data_7SFE
#
_entry.id   7SFE
#
_cell.length_a   161.969
_cell.length_b   78.494
_cell.length_c   117.562
_cell.angle_alpha   90.000
_cell.angle_beta   125.832
_cell.angle_gamma   90.000
#
_symmetry.space_group_name_H-M   'C 1 2 1'
#
loop_
_entity.id
_entity.type
_entity.pdbx_description
1 polymer 'DNA (cytosine-5)-methyltransferase 1'
2 polymer 'DNA (12-MER)'
3 polymer 'DNA (12-MER)'
4 non-polymer 1,2-ETHANEDIOL
5 non-polymer 'ZINC ION'
6 non-polymer GLYCEROL
7 non-polymer (2R)-2-{[6-(4-aminopiperidin-1-yl)-3,5-dicyano-4-ethylpyridin-2-yl]amino}-2-phenylacetamide
8 water water
#
loop_
_entity_poly.entity_id
_entity_poly.type
_entity_poly.pdbx_seq_one_letter_code
_entity_poly.pdbx_strand_id
1 'polypeptide(L)'
;HMNRISWVGEAVKTDGKKSYYKKVCIDAETLEVGDCVSVIPDDSSKPLYLARVTALWEDSSNGQMFHAHWFCAGTDTVLG
ATSDPLELFLVDECEDMQLSYIHSKVKVIYKAPSENWAMEGGMDPESLLEGDDGKTYFYQLWYDQDYARFESPPKTQPTE
DNKFKFCVSCARLAEMRQKEIPRVLEQLEDLDSRVLYYSATKNGILYRVGDGVYLPPEAFTFNIKLSSPVKRPRKEPVDE
DLYPEHYRKYSDYIKGSNLDAPEPYRIGRIKEIFCPKKSNGRPNETDIKIRVNKFYRPENTHKSTPASYHADINLLYWSD
EEAVVDFKAVQGRCTVEYGEDLPECVQVYSMGGPNRFYFLEAYNAKSKSFEDPPNHARSPGNKGKGKGKGKGKPKSQACE
PSEPEIEIKLPKLRTLDVFSGCGGLSEGFHQAGISDTLWAIEMWDPAAQAFRLNNPGSTVFTEDCNILLKLVMAGETTNS
RGQRLPQKGDVEMLCGGPPCQGFSGMNRFNSRTYSKFKNSLVVSFLSYCDYYRPRFFLLENVRNFVSFKRSMVLKLTLRC
LVRMGYQCTFGVLQAGQYGVAQTRRRAIILAAAPGEKLPLFPEPLHVFAPRACQLSVVVDDKKFVSNITRLSSGPFRTIT
VRDTMSDLPEVRNGASALEISYNGEPQSWFQRQLRGAQYQPILRDHICKDMSALVAARMRHIPLAPGSDWRDLPNIEVRL
SDGTMARKLRYTHHDRKNGRSSSGALRGVCSCVEAGKACDPAARQFNTLIPWCLPHTGNRHNHWAGLYGRLEWDGFFSTT
VTNPEPMGKQGRVLHPEQHRVVSVRECARSQGFPDTYRLFGNILDKHRQVGNAVPPPLAKAIGLEIKLCMLAKA
;
A
2 'polydeoxyribonucleotide' (DG)(DA)(DG)(DG)(DC)(5CM)(DG)(DC)(DC)(DT)(DG)(DC) C
3 'polydeoxyribonucleotide' (DG)(DC)(DA)(DG)(DG)(PYO)(DG)(DG)(DC)(DC)(DT)(DC) D
#
loop_
_chem_comp.id
_chem_comp.type
_chem_comp.name
_chem_comp.formula
5CM DNA linking 5-METHYL-2'-DEOXY-CYTIDINE-5'-MONOPHOSPHATE 'C10 H16 N3 O7 P'
96I non-polymer (2R)-2-{[6-(4-aminopiperidin-1-yl)-3,5-dicyano-4-ethylpyridin-2-yl]amino}-2-phenylacetamide 'C22 H25 N7 O'
DA DNA linking 2'-DEOXYADENOSINE-5'-MONOPHOSPHATE 'C10 H14 N5 O6 P'
DC DNA linking 2'-DEOXYCYTIDINE-5'-MONOPHOSPHATE 'C9 H14 N3 O7 P'
DG DNA linking 2'-DEOXYGUANOSINE-5'-MONOPHOSPHATE 'C10 H14 N5 O7 P'
DT DNA linking THYMIDINE-5'-MONOPHOSPHATE 'C10 H15 N2 O8 P'
EDO non-polymer 1,2-ETHANEDIOL 'C2 H6 O2'
GOL non-polymer GLYCEROL 'C3 H8 O3'
PYO RNA linking 1-(BETA-D-RIBOFURANOSYL)-PYRIMIDIN-2-ONE-5'-PHOSPHATE 'C9 H13 N2 O8 P'
ZN non-polymer 'ZINC ION' 'Zn 2'
#
# COMPACT_ATOMS: atom_id res chain seq x y z
N ARG A 4 18.52 -49.12 -25.85
CA ARG A 4 18.08 -47.85 -26.41
C ARG A 4 18.34 -46.71 -25.42
N ILE A 5 18.10 -46.97 -24.14
CA ILE A 5 18.34 -46.02 -23.06
C ILE A 5 19.07 -46.75 -21.95
N SER A 6 20.25 -46.27 -21.57
CA SER A 6 20.98 -46.93 -20.49
C SER A 6 22.05 -46.00 -19.94
N TRP A 7 22.61 -46.40 -18.80
CA TRP A 7 23.57 -45.58 -18.08
C TRP A 7 24.91 -45.54 -18.78
N VAL A 8 25.71 -44.54 -18.42
CA VAL A 8 27.06 -44.37 -18.94
C VAL A 8 27.99 -44.37 -17.73
N GLY A 9 28.53 -45.55 -17.40
CA GLY A 9 29.46 -45.67 -16.30
C GLY A 9 28.98 -46.56 -15.17
N GLU A 10 29.53 -46.36 -13.98
CA GLU A 10 29.19 -47.12 -12.79
C GLU A 10 28.46 -46.24 -11.78
N ALA A 11 27.99 -46.88 -10.71
CA ALA A 11 27.18 -46.20 -9.72
C ALA A 11 28.01 -45.23 -8.88
N VAL A 12 27.33 -44.23 -8.32
CA VAL A 12 27.96 -43.29 -7.41
C VAL A 12 27.32 -43.27 -6.03
N LYS A 13 26.05 -43.69 -5.90
CA LYS A 13 25.41 -43.77 -4.59
C LYS A 13 24.18 -44.66 -4.72
N THR A 14 24.17 -45.77 -3.98
CA THR A 14 23.02 -46.68 -3.96
C THR A 14 22.27 -46.44 -2.66
N ASP A 15 21.27 -45.56 -2.71
CA ASP A 15 20.48 -45.19 -1.54
C ASP A 15 19.19 -45.99 -1.57
N GLY A 16 19.08 -46.97 -0.68
CA GLY A 16 17.85 -47.73 -0.54
C GLY A 16 17.40 -48.41 -1.81
N LYS A 17 16.34 -47.88 -2.42
CA LYS A 17 15.73 -48.45 -3.62
C LYS A 17 16.13 -47.71 -4.89
N LYS A 18 17.12 -46.81 -4.82
CA LYS A 18 17.54 -46.07 -6.01
C LYS A 18 19.06 -46.06 -6.11
N SER A 19 19.54 -45.95 -7.34
CA SER A 19 20.98 -45.96 -7.64
C SER A 19 21.30 -44.79 -8.56
N TYR A 20 22.12 -43.86 -8.07
CA TYR A 20 22.44 -42.64 -8.80
C TYR A 20 23.58 -42.88 -9.80
N TYR A 21 23.48 -42.21 -10.95
CA TYR A 21 24.52 -42.23 -11.96
C TYR A 21 24.72 -40.81 -12.49
N LYS A 22 25.93 -40.54 -12.99
CA LYS A 22 26.31 -39.18 -13.37
C LYS A 22 25.92 -38.82 -14.80
N LYS A 23 25.86 -39.80 -15.71
CA LYS A 23 25.58 -39.51 -17.11
C LYS A 23 24.84 -40.69 -17.72
N VAL A 24 23.92 -40.38 -18.64
CA VAL A 24 23.07 -41.39 -19.27
C VAL A 24 23.15 -41.22 -20.78
N CYS A 25 22.79 -42.28 -21.50
CA CYS A 25 22.72 -42.26 -22.95
C CYS A 25 21.32 -42.67 -23.40
N ILE A 26 20.68 -41.80 -24.19
CA ILE A 26 19.38 -42.08 -24.79
C ILE A 26 19.53 -41.95 -26.29
N ASP A 27 19.23 -43.04 -27.01
CA ASP A 27 19.34 -43.07 -28.46
C ASP A 27 20.72 -42.61 -28.93
N ALA A 28 20.76 -41.46 -29.60
CA ALA A 28 21.99 -40.94 -30.17
C ALA A 28 22.60 -39.80 -29.36
N GLU A 29 22.05 -39.50 -28.18
CA GLU A 29 22.53 -38.36 -27.41
C GLU A 29 22.86 -38.80 -25.98
N THR A 30 23.71 -38.02 -25.34
CA THR A 30 24.13 -38.25 -23.97
C THR A 30 23.72 -37.06 -23.10
N LEU A 31 23.37 -37.34 -21.85
CA LEU A 31 22.90 -36.34 -20.92
C LEU A 31 23.71 -36.44 -19.63
N GLU A 32 24.42 -35.36 -19.30
CA GLU A 32 25.09 -35.21 -18.01
C GLU A 32 24.35 -34.16 -17.19
N VAL A 33 24.49 -34.26 -15.87
CA VAL A 33 23.77 -33.36 -14.98
C VAL A 33 24.21 -31.92 -15.25
N GLY A 34 23.24 -31.01 -15.33
CA GLY A 34 23.48 -29.63 -15.69
C GLY A 34 22.92 -29.24 -17.04
N ASP A 35 22.63 -30.22 -17.89
CA ASP A 35 22.02 -29.93 -19.19
C ASP A 35 20.55 -29.57 -19.02
N CYS A 36 19.96 -29.02 -20.07
CA CYS A 36 18.57 -28.63 -20.08
C CYS A 36 17.81 -29.48 -21.11
N VAL A 37 16.62 -29.93 -20.71
CA VAL A 37 15.81 -30.84 -21.52
C VAL A 37 14.40 -30.28 -21.63
N SER A 38 13.65 -30.85 -22.57
CA SER A 38 12.25 -30.53 -22.80
C SER A 38 11.40 -31.77 -22.54
N VAL A 39 10.16 -31.53 -22.13
CA VAL A 39 9.18 -32.58 -21.88
C VAL A 39 7.85 -32.16 -22.48
N ILE A 40 7.20 -33.06 -23.21
CA ILE A 40 5.92 -32.73 -23.86
C ILE A 40 4.80 -32.92 -22.86
N PRO A 41 3.93 -31.93 -22.67
CA PRO A 41 2.78 -32.11 -21.78
C PRO A 41 1.77 -33.07 -22.37
N ASP A 42 0.85 -33.53 -21.50
CA ASP A 42 -0.15 -34.51 -21.92
C ASP A 42 -1.07 -33.95 -23.00
N ASP A 43 -1.25 -32.63 -23.05
CA ASP A 43 -1.98 -31.99 -24.12
C ASP A 43 -1.01 -31.65 -25.24
N SER A 44 -1.25 -32.18 -26.43
CA SER A 44 -0.26 -32.09 -27.51
C SER A 44 -0.05 -30.66 -27.97
N SER A 45 -1.07 -29.80 -27.83
CA SER A 45 -0.97 -28.44 -28.35
C SER A 45 -0.31 -27.46 -27.38
N LYS A 46 -0.19 -27.82 -26.10
CA LYS A 46 0.51 -26.95 -25.17
C LYS A 46 2.00 -26.92 -25.50
N PRO A 47 2.67 -25.79 -25.26
CA PRO A 47 4.09 -25.69 -25.58
C PRO A 47 4.93 -26.64 -24.73
N LEU A 48 6.17 -26.83 -25.17
CA LEU A 48 7.07 -27.76 -24.51
C LEU A 48 7.43 -27.25 -23.11
N TYR A 49 7.30 -28.13 -22.11
CA TYR A 49 7.88 -27.86 -20.81
C TYR A 49 9.41 -27.89 -20.93
N LEU A 50 10.07 -26.98 -20.22
CA LEU A 50 11.53 -26.91 -20.24
C LEU A 50 12.04 -26.98 -18.81
N ALA A 51 13.10 -27.76 -18.60
CA ALA A 51 13.65 -27.93 -17.26
C ALA A 51 15.14 -28.19 -17.35
N ARG A 52 15.80 -28.13 -16.20
CA ARG A 52 17.20 -28.49 -16.05
C ARG A 52 17.31 -29.78 -15.27
N VAL A 53 18.11 -30.71 -15.77
CA VAL A 53 18.32 -31.99 -15.08
C VAL A 53 19.32 -31.78 -13.96
N THR A 54 18.94 -32.19 -12.74
CA THR A 54 19.80 -32.03 -11.57
C THR A 54 20.23 -33.34 -10.95
N ALA A 55 19.61 -34.47 -11.30
CA ALA A 55 19.99 -35.76 -10.76
C ALA A 55 19.48 -36.85 -11.67
N LEU A 56 20.22 -37.96 -11.74
CA LEU A 56 19.85 -39.12 -12.55
C LEU A 56 20.05 -40.38 -11.71
N TRP A 57 19.05 -41.26 -11.71
CA TRP A 57 19.15 -42.49 -10.92
C TRP A 57 18.21 -43.53 -11.53
N GLU A 58 18.24 -44.73 -10.96
CA GLU A 58 17.36 -45.82 -11.35
C GLU A 58 16.62 -46.32 -10.11
N ASP A 59 15.33 -46.60 -10.29
CA ASP A 59 14.44 -46.99 -9.20
C ASP A 59 14.32 -48.51 -9.12
N SER A 60 13.97 -49.00 -7.93
CA SER A 60 13.86 -50.43 -7.71
C SER A 60 12.70 -51.04 -8.49
N SER A 61 11.54 -50.38 -8.49
CA SER A 61 10.34 -50.95 -9.07
C SER A 61 9.70 -50.08 -10.16
N ASN A 62 10.29 -48.95 -10.50
CA ASN A 62 9.71 -48.05 -11.48
C ASN A 62 10.57 -47.91 -12.74
N GLY A 63 11.85 -47.62 -12.60
CA GLY A 63 12.74 -47.55 -13.74
C GLY A 63 13.65 -46.34 -13.63
N GLN A 64 14.22 -45.96 -14.76
CA GLN A 64 15.14 -44.83 -14.80
C GLN A 64 14.39 -43.53 -14.50
N MET A 65 15.00 -42.68 -13.68
CA MET A 65 14.40 -41.45 -13.22
C MET A 65 15.44 -40.34 -13.26
N PHE A 66 14.95 -39.11 -13.32
CA PHE A 66 15.79 -37.93 -13.20
C PHE A 66 15.00 -36.87 -12.44
N HIS A 67 15.68 -35.79 -12.09
CA HIS A 67 15.07 -34.68 -11.38
C HIS A 67 15.06 -33.46 -12.27
N ALA A 68 13.87 -32.90 -12.51
CA ALA A 68 13.70 -31.76 -13.40
C ALA A 68 13.36 -30.53 -12.56
N HIS A 69 14.18 -29.49 -12.70
CA HIS A 69 13.91 -28.17 -12.13
C HIS A 69 13.31 -27.32 -13.25
N TRP A 70 12.00 -27.10 -13.19
CA TRP A 70 11.28 -26.49 -14.30
C TRP A 70 11.67 -25.03 -14.48
N PHE A 71 11.78 -24.62 -15.73
CA PHE A 71 11.75 -23.21 -16.06
C PHE A 71 10.30 -22.73 -16.15
N CYS A 72 10.12 -21.41 -16.24
CA CYS A 72 8.81 -20.83 -16.44
C CYS A 72 8.81 -20.04 -17.74
N ALA A 73 7.89 -20.38 -18.64
CA ALA A 73 7.76 -19.63 -19.88
C ALA A 73 7.37 -18.19 -19.58
N GLY A 74 7.87 -17.27 -20.40
CA GLY A 74 7.58 -15.86 -20.19
C GLY A 74 6.09 -15.55 -20.24
N THR A 75 5.36 -16.22 -21.14
CA THR A 75 3.92 -16.00 -21.24
C THR A 75 3.17 -16.53 -20.02
N ASP A 76 3.75 -17.50 -19.30
CA ASP A 76 3.09 -18.00 -18.09
C ASP A 76 3.19 -17.01 -16.94
N THR A 77 4.09 -16.04 -17.01
CA THR A 77 4.23 -15.03 -15.97
C THR A 77 3.17 -13.93 -16.19
N VAL A 78 3.26 -12.86 -15.39
CA VAL A 78 2.33 -11.75 -15.53
C VAL A 78 2.52 -11.03 -16.86
N LEU A 79 3.69 -11.16 -17.49
CA LEU A 79 3.94 -10.49 -18.77
C LEU A 79 3.06 -11.04 -19.88
N GLY A 80 2.64 -12.30 -19.76
CA GLY A 80 1.78 -12.90 -20.75
C GLY A 80 2.37 -12.81 -22.15
N ALA A 81 1.49 -12.54 -23.12
CA ALA A 81 1.91 -12.46 -24.51
C ALA A 81 2.91 -11.34 -24.75
N THR A 82 3.02 -10.38 -23.83
CA THR A 82 4.01 -9.32 -24.04
C THR A 82 5.44 -9.81 -23.83
N SER A 83 5.63 -10.97 -23.21
CA SER A 83 6.97 -11.44 -22.89
C SER A 83 7.76 -11.74 -24.15
N ASP A 84 9.08 -11.74 -24.00
CA ASP A 84 9.97 -12.21 -25.06
C ASP A 84 9.65 -13.69 -25.30
N PRO A 85 9.32 -14.08 -26.53
CA PRO A 85 8.83 -15.46 -26.75
C PRO A 85 9.84 -16.55 -26.44
N LEU A 86 11.12 -16.22 -26.28
CA LEU A 86 12.14 -17.20 -25.94
C LEU A 86 12.80 -16.92 -24.60
N GLU A 87 12.20 -16.07 -23.77
CA GLU A 87 12.74 -15.77 -22.45
C GLU A 87 12.10 -16.69 -21.41
N LEU A 88 12.94 -17.31 -20.59
CA LEU A 88 12.50 -18.16 -19.50
C LEU A 88 12.82 -17.49 -18.18
N PHE A 89 12.17 -17.98 -17.12
CA PHE A 89 12.37 -17.45 -15.78
C PHE A 89 12.55 -18.59 -14.80
N LEU A 90 13.49 -18.41 -13.87
CA LEU A 90 13.72 -19.40 -12.83
C LEU A 90 12.57 -19.38 -11.82
N VAL A 91 12.10 -20.57 -11.46
CA VAL A 91 11.04 -20.73 -10.47
C VAL A 91 11.40 -21.87 -9.53
N ASP A 92 10.79 -21.85 -8.36
CA ASP A 92 10.96 -22.91 -7.37
C ASP A 92 9.99 -24.07 -7.62
N GLU A 93 10.01 -24.59 -8.84
CA GLU A 93 9.19 -25.71 -9.25
C GLU A 93 10.11 -26.83 -9.71
N CYS A 94 9.91 -28.03 -9.16
CA CYS A 94 10.74 -29.16 -9.55
C CYS A 94 10.03 -30.46 -9.17
N GLU A 95 10.45 -31.54 -9.81
CA GLU A 95 9.88 -32.85 -9.51
C GLU A 95 10.74 -33.96 -10.10
N ASP A 96 10.58 -35.15 -9.54
CA ASP A 96 11.17 -36.35 -10.11
C ASP A 96 10.31 -36.84 -11.28
N MET A 97 10.97 -37.30 -12.33
CA MET A 97 10.26 -37.68 -13.56
C MET A 97 10.99 -38.85 -14.21
N GLN A 98 10.21 -39.75 -14.81
CA GLN A 98 10.81 -40.86 -15.54
C GLN A 98 11.62 -40.34 -16.71
N LEU A 99 12.79 -40.96 -16.93
CA LEU A 99 13.67 -40.56 -18.02
C LEU A 99 13.03 -40.78 -19.38
N SER A 100 11.94 -41.55 -19.45
CA SER A 100 11.21 -41.73 -20.70
C SER A 100 10.57 -40.43 -21.17
N TYR A 101 10.14 -39.56 -20.24
CA TYR A 101 9.42 -38.35 -20.61
C TYR A 101 10.29 -37.33 -21.33
N ILE A 102 11.61 -37.45 -21.27
CA ILE A 102 12.49 -36.47 -21.91
C ILE A 102 12.34 -36.55 -23.42
N HIS A 103 12.05 -35.41 -24.05
CA HIS A 103 11.87 -35.32 -25.49
C HIS A 103 13.18 -35.03 -26.21
N SER A 104 13.91 -34.02 -25.77
CA SER A 104 15.16 -33.63 -26.42
C SER A 104 15.98 -32.77 -25.47
N LYS A 105 17.22 -32.51 -25.87
CA LYS A 105 18.11 -31.61 -25.15
C LYS A 105 18.06 -30.24 -25.81
N VAL A 106 17.90 -29.19 -25.01
CA VAL A 106 17.80 -27.83 -25.51
C VAL A 106 18.94 -27.01 -24.94
N LYS A 107 19.27 -25.93 -25.67
CA LYS A 107 20.31 -24.99 -25.27
C LYS A 107 19.65 -23.80 -24.58
N VAL A 108 19.87 -23.68 -23.27
CA VAL A 108 19.35 -22.56 -22.47
C VAL A 108 20.54 -21.85 -21.86
N ILE A 109 20.67 -20.56 -22.15
CA ILE A 109 21.81 -19.77 -21.70
C ILE A 109 21.33 -18.69 -20.73
N TYR A 110 22.24 -18.29 -19.85
CA TYR A 110 21.99 -17.26 -18.84
C TYR A 110 22.56 -15.94 -19.35
N LYS A 111 21.68 -14.99 -19.65
CA LYS A 111 22.09 -13.65 -20.09
C LYS A 111 22.35 -12.81 -18.84
N ALA A 112 23.57 -12.88 -18.34
CA ALA A 112 23.96 -12.07 -17.19
C ALA A 112 24.20 -10.63 -17.60
N PRO A 113 23.72 -9.65 -16.83
CA PRO A 113 24.05 -8.26 -17.12
C PRO A 113 25.55 -8.02 -17.00
N SER A 114 26.07 -7.17 -17.90
CA SER A 114 27.50 -6.91 -17.91
C SER A 114 27.89 -6.03 -16.73
N GLU A 115 29.20 -5.96 -16.48
CA GLU A 115 29.71 -5.02 -15.48
C GLU A 115 29.45 -3.58 -15.88
N ASN A 116 29.21 -3.33 -17.16
CA ASN A 116 28.90 -2.01 -17.69
C ASN A 116 27.41 -1.83 -17.96
N TRP A 117 26.56 -2.64 -17.33
CA TRP A 117 25.12 -2.61 -17.58
C TRP A 117 24.55 -1.20 -17.46
N ALA A 118 25.00 -0.45 -16.45
CA ALA A 118 24.42 0.87 -16.17
C ALA A 118 24.65 1.85 -17.31
N MET A 119 25.57 1.56 -18.24
CA MET A 119 25.84 2.44 -19.36
C MET A 119 25.27 1.90 -20.68
N GLU A 120 24.54 0.80 -20.65
CA GLU A 120 24.06 0.17 -21.87
C GLU A 120 22.68 0.65 -22.29
N GLY A 121 22.08 1.60 -21.57
CA GLY A 121 20.77 2.10 -21.93
C GLY A 121 20.82 3.07 -23.10
N GLY A 122 19.64 3.31 -23.67
CA GLY A 122 19.53 4.23 -24.79
C GLY A 122 18.70 3.69 -25.94
N MET A 123 18.05 2.55 -25.74
CA MET A 123 17.20 1.98 -26.78
C MET A 123 15.87 2.72 -26.85
N ASP A 124 15.29 2.76 -28.04
CA ASP A 124 14.08 3.52 -28.28
C ASP A 124 12.86 2.83 -27.67
N PRO A 125 11.75 3.57 -27.51
CA PRO A 125 10.54 2.96 -26.94
C PRO A 125 10.06 1.74 -27.71
N GLU A 126 10.24 1.71 -29.04
CA GLU A 126 9.85 0.53 -29.79
C GLU A 126 10.63 -0.69 -29.33
N SER A 127 11.94 -0.55 -29.18
CA SER A 127 12.74 -1.67 -28.69
C SER A 127 12.36 -2.05 -27.26
N LEU A 128 12.11 -1.05 -26.41
CA LEU A 128 11.71 -1.35 -25.03
C LEU A 128 10.42 -2.13 -24.99
N LEU A 129 9.43 -1.71 -25.77
CA LEU A 129 8.10 -2.33 -25.71
C LEU A 129 8.04 -3.69 -26.40
N GLU A 130 8.66 -3.82 -27.58
CA GLU A 130 8.44 -4.99 -28.42
C GLU A 130 9.71 -5.72 -28.85
N GLY A 131 10.89 -5.18 -28.59
CA GLY A 131 12.11 -5.81 -29.07
C GLY A 131 12.37 -7.13 -28.37
N ASP A 132 12.93 -8.07 -29.12
CA ASP A 132 13.26 -9.39 -28.62
C ASP A 132 14.76 -9.62 -28.70
N ASP A 133 15.23 -10.60 -27.92
CA ASP A 133 16.66 -10.90 -27.87
C ASP A 133 17.17 -11.48 -29.18
N GLY A 134 16.34 -12.26 -29.89
CA GLY A 134 16.74 -12.83 -31.15
C GLY A 134 17.86 -13.85 -31.04
N LYS A 135 17.73 -14.79 -30.12
CA LYS A 135 18.75 -15.82 -29.90
C LYS A 135 18.04 -17.08 -29.46
N THR A 136 18.79 -18.00 -28.84
CA THR A 136 18.22 -19.26 -28.37
C THR A 136 17.46 -19.01 -27.07
N TYR A 137 17.08 -20.10 -26.38
CA TYR A 137 16.44 -19.97 -25.07
C TYR A 137 17.39 -19.29 -24.09
N PHE A 138 16.90 -18.25 -23.42
CA PHE A 138 17.71 -17.52 -22.47
C PHE A 138 16.89 -17.18 -21.24
N TYR A 139 17.56 -17.10 -20.10
CA TYR A 139 16.94 -16.65 -18.86
C TYR A 139 17.85 -15.63 -18.19
N GLN A 140 17.22 -14.68 -17.49
CA GLN A 140 17.94 -13.67 -16.73
C GLN A 140 17.41 -13.45 -15.33
N LEU A 141 16.16 -13.80 -15.03
CA LEU A 141 15.53 -13.45 -13.77
C LEU A 141 14.80 -14.65 -13.19
N TRP A 142 14.75 -14.69 -11.86
CA TRP A 142 13.94 -15.63 -11.11
C TRP A 142 12.59 -15.01 -10.83
N TYR A 143 11.53 -15.82 -10.93
CA TYR A 143 10.16 -15.32 -10.88
C TYR A 143 9.41 -15.91 -9.69
N ASP A 144 8.76 -15.03 -8.93
CA ASP A 144 7.83 -15.41 -7.88
C ASP A 144 6.42 -15.16 -8.41
N GLN A 145 5.66 -16.25 -8.56
CA GLN A 145 4.36 -16.21 -9.24
C GLN A 145 3.25 -15.63 -8.37
N ASP A 146 3.35 -15.80 -7.04
CA ASP A 146 2.30 -15.30 -6.16
C ASP A 146 2.38 -13.80 -5.96
N TYR A 147 3.58 -13.24 -5.94
CA TYR A 147 3.78 -11.81 -5.75
C TYR A 147 4.15 -11.09 -7.04
N ALA A 148 4.24 -11.82 -8.15
CA ALA A 148 4.66 -11.26 -9.44
C ALA A 148 5.97 -10.49 -9.29
N ARG A 149 6.98 -11.17 -8.77
CA ARG A 149 8.27 -10.55 -8.49
C ARG A 149 9.34 -11.13 -9.42
N PHE A 150 10.03 -10.26 -10.13
CA PHE A 150 11.19 -10.64 -10.93
C PHE A 150 12.43 -10.17 -10.18
N GLU A 151 13.31 -11.10 -9.84
CA GLU A 151 14.50 -10.78 -9.04
C GLU A 151 15.72 -11.47 -9.65
N SER A 152 16.90 -11.09 -9.15
CA SER A 152 18.12 -11.72 -9.60
C SER A 152 18.14 -13.19 -9.17
N PRO A 153 18.75 -14.07 -9.96
CA PRO A 153 18.76 -15.50 -9.63
C PRO A 153 19.43 -15.75 -8.30
N PRO A 154 18.89 -16.64 -7.47
CA PRO A 154 19.52 -16.93 -6.18
C PRO A 154 20.88 -17.57 -6.35
N LYS A 155 21.75 -17.33 -5.38
CA LYS A 155 23.13 -17.81 -5.40
C LYS A 155 23.38 -18.88 -4.36
N THR A 156 22.41 -19.77 -4.16
CA THR A 156 22.58 -20.86 -3.20
C THR A 156 23.63 -21.85 -3.71
N GLN A 157 24.59 -22.21 -2.83
CA GLN A 157 25.73 -23.04 -3.18
C GLN A 157 25.50 -24.50 -2.80
N PRO A 158 26.11 -25.44 -3.53
CA PRO A 158 25.92 -26.86 -3.20
C PRO A 158 26.68 -27.30 -1.96
N THR A 159 26.64 -28.59 -1.65
CA THR A 159 27.32 -29.18 -0.51
C THR A 159 28.49 -30.03 -1.00
N GLU A 160 29.35 -30.40 -0.06
CA GLU A 160 30.42 -31.35 -0.35
C GLU A 160 29.94 -32.79 -0.37
N ASP A 161 28.69 -33.04 0.01
CA ASP A 161 28.12 -34.38 -0.01
C ASP A 161 26.84 -34.49 -0.83
N ASN A 162 26.20 -33.37 -1.17
CA ASN A 162 24.96 -33.38 -1.95
C ASN A 162 25.07 -32.48 -3.17
N LYS A 163 26.24 -32.48 -3.80
CA LYS A 163 26.44 -31.72 -5.03
C LYS A 163 26.09 -32.49 -6.28
N PHE A 164 26.12 -33.82 -6.23
CA PHE A 164 25.82 -34.63 -7.41
C PHE A 164 24.32 -34.60 -7.72
N LYS A 165 23.47 -34.47 -6.71
CA LYS A 165 22.03 -34.46 -6.88
C LYS A 165 21.43 -33.12 -6.46
N PHE A 166 22.22 -32.05 -6.53
CA PHE A 166 21.80 -30.77 -5.98
C PHE A 166 20.74 -30.10 -6.87
N CYS A 167 19.68 -29.62 -6.24
CA CYS A 167 18.64 -28.85 -6.92
C CYS A 167 18.41 -27.56 -6.15
N VAL A 168 18.53 -26.43 -6.85
CA VAL A 168 18.33 -25.14 -6.22
C VAL A 168 16.91 -25.02 -5.68
N SER A 169 15.93 -25.48 -6.47
CA SER A 169 14.53 -25.43 -6.05
C SER A 169 14.31 -26.26 -4.79
N CYS A 170 14.87 -27.48 -4.75
CA CYS A 170 14.71 -28.33 -3.58
C CYS A 170 15.33 -27.69 -2.35
N ALA A 171 16.54 -27.15 -2.49
CA ALA A 171 17.21 -26.53 -1.35
C ALA A 171 16.43 -25.33 -0.84
N ARG A 172 15.93 -24.48 -1.74
CA ARG A 172 15.20 -23.30 -1.32
C ARG A 172 13.86 -23.65 -0.69
N LEU A 173 13.19 -24.68 -1.22
CA LEU A 173 11.93 -25.12 -0.61
C LEU A 173 12.16 -25.68 0.78
N ALA A 174 13.26 -26.43 0.96
CA ALA A 174 13.60 -26.91 2.29
C ALA A 174 13.88 -25.75 3.24
N GLU A 175 14.58 -24.72 2.75
CA GLU A 175 14.81 -23.53 3.56
C GLU A 175 13.49 -22.88 3.98
N MET A 176 12.56 -22.74 3.03
CA MET A 176 11.28 -22.11 3.33
C MET A 176 10.49 -22.91 4.35
N ARG A 177 10.42 -24.23 4.18
CA ARG A 177 9.72 -25.07 5.15
C ARG A 177 10.35 -24.94 6.53
N GLN A 178 11.68 -25.05 6.61
CA GLN A 178 12.35 -25.01 7.90
C GLN A 178 12.16 -23.67 8.58
N LYS A 179 12.18 -22.57 7.82
CA LYS A 179 11.94 -21.26 8.42
C LYS A 179 10.48 -21.09 8.83
N GLU A 180 9.56 -21.73 8.12
CA GLU A 180 8.16 -21.69 8.52
C GLU A 180 7.89 -22.48 9.78
N ILE A 181 8.74 -23.48 10.08
CA ILE A 181 8.57 -24.27 11.30
C ILE A 181 8.91 -23.43 12.52
N PRO A 182 7.99 -23.29 13.49
CA PRO A 182 8.35 -22.65 14.76
C PRO A 182 9.10 -23.62 15.66
N ARG A 183 10.29 -23.20 16.11
CA ARG A 183 11.16 -24.09 16.87
C ARG A 183 11.56 -23.43 18.19
N VAL A 184 12.03 -24.27 19.10
CA VAL A 184 12.57 -23.79 20.37
C VAL A 184 14.09 -23.83 20.30
N LEU A 185 14.72 -23.27 21.34
CA LEU A 185 16.16 -23.07 21.36
C LEU A 185 16.66 -23.24 22.80
N GLU A 186 17.86 -22.74 23.09
CA GLU A 186 18.54 -22.91 24.38
C GLU A 186 17.57 -23.00 25.55
N GLN A 187 17.60 -24.14 26.23
CA GLN A 187 16.71 -24.44 27.35
C GLN A 187 17.12 -23.68 28.61
N LEU A 188 16.13 -23.32 29.43
CA LEU A 188 16.35 -22.52 30.62
C LEU A 188 16.16 -23.33 31.90
N GLU A 189 15.01 -23.96 32.08
CA GLU A 189 14.73 -24.69 33.31
C GLU A 189 13.79 -25.85 33.00
N ASP A 190 13.81 -26.85 33.87
CA ASP A 190 12.92 -28.01 33.77
C ASP A 190 12.02 -28.00 35.00
N LEU A 191 10.74 -27.77 34.78
CA LEU A 191 9.74 -27.75 35.85
C LEU A 191 8.95 -29.06 35.86
N ASP A 192 8.09 -29.19 36.86
CA ASP A 192 7.29 -30.41 36.99
C ASP A 192 6.32 -30.57 35.83
N SER A 193 5.75 -29.46 35.35
CA SER A 193 4.71 -29.51 34.33
C SER A 193 5.21 -29.17 32.93
N ARG A 194 6.17 -28.26 32.81
CA ARG A 194 6.63 -27.80 31.50
C ARG A 194 8.15 -27.69 31.50
N VAL A 195 8.70 -27.45 30.31
CA VAL A 195 10.12 -27.16 30.12
C VAL A 195 10.23 -25.76 29.57
N LEU A 196 10.98 -24.90 30.26
CA LEU A 196 11.16 -23.51 29.87
C LEU A 196 12.35 -23.37 28.92
N TYR A 197 12.29 -22.33 28.09
CA TYR A 197 13.32 -22.02 27.11
C TYR A 197 13.60 -20.53 27.14
N TYR A 198 14.78 -20.16 26.66
CA TYR A 198 15.16 -18.76 26.62
C TYR A 198 14.82 -18.09 25.28
N SER A 199 14.75 -18.86 24.20
CA SER A 199 14.54 -18.28 22.88
C SER A 199 13.78 -19.24 22.00
N ALA A 200 13.12 -18.68 20.98
CA ALA A 200 12.34 -19.44 20.02
C ALA A 200 12.45 -18.76 18.66
N THR A 201 12.16 -19.52 17.61
CA THR A 201 12.27 -19.04 16.23
C THR A 201 10.96 -19.24 15.51
N LYS A 202 10.56 -18.22 14.74
CA LYS A 202 9.35 -18.30 13.92
C LYS A 202 9.48 -17.34 12.75
N ASN A 203 9.36 -17.87 11.53
CA ASN A 203 9.41 -17.08 10.29
C ASN A 203 10.68 -16.25 10.22
N GLY A 204 11.79 -16.82 10.67
CA GLY A 204 13.06 -16.12 10.67
C GLY A 204 13.21 -15.06 11.73
N ILE A 205 12.31 -15.00 12.70
CA ILE A 205 12.35 -14.02 13.77
C ILE A 205 12.66 -14.73 15.07
N LEU A 206 13.60 -14.17 15.84
CA LEU A 206 14.04 -14.73 17.12
C LEU A 206 13.35 -14.00 18.26
N TYR A 207 12.68 -14.75 19.13
CA TYR A 207 11.98 -14.22 20.29
C TYR A 207 12.67 -14.71 21.55
N ARG A 208 13.16 -13.78 22.37
CA ARG A 208 13.78 -14.11 23.64
C ARG A 208 12.81 -13.80 24.78
N VAL A 209 13.23 -14.12 25.99
CA VAL A 209 12.44 -13.76 27.17
C VAL A 209 12.57 -12.26 27.40
N GLY A 210 11.42 -11.58 27.54
CA GLY A 210 11.40 -10.14 27.71
C GLY A 210 11.14 -9.35 26.44
N ASP A 211 11.19 -9.99 25.29
CA ASP A 211 10.89 -9.30 24.04
C ASP A 211 9.39 -9.01 23.94
N GLY A 212 9.05 -8.07 23.07
CA GLY A 212 7.66 -7.74 22.81
C GLY A 212 7.11 -8.58 21.68
N VAL A 213 5.85 -9.00 21.82
CA VAL A 213 5.18 -9.82 20.83
C VAL A 213 3.88 -9.14 20.42
N TYR A 214 3.65 -9.06 19.12
CA TYR A 214 2.34 -8.76 18.57
C TYR A 214 1.45 -9.98 18.69
N LEU A 215 0.20 -9.76 19.08
CA LEU A 215 -0.78 -10.83 19.14
C LEU A 215 -2.07 -10.35 18.50
N PRO A 216 -2.87 -11.27 17.94
CA PRO A 216 -4.15 -10.86 17.39
C PRO A 216 -5.07 -10.36 18.50
N PRO A 217 -6.02 -9.49 18.17
CA PRO A 217 -6.91 -8.95 19.22
C PRO A 217 -7.69 -10.02 19.95
N GLU A 218 -7.82 -11.20 19.37
CA GLU A 218 -8.53 -12.32 19.99
CA GLU A 218 -8.53 -12.31 20.01
C GLU A 218 -7.64 -13.17 20.89
N ALA A 219 -6.36 -12.81 21.02
CA ALA A 219 -5.43 -13.61 21.82
C ALA A 219 -5.81 -13.60 23.30
N PHE A 220 -6.12 -12.42 23.84
CA PHE A 220 -6.51 -12.32 25.24
C PHE A 220 -7.37 -11.09 25.45
N THR A 221 -8.01 -11.03 26.61
CA THR A 221 -8.84 -9.90 27.03
C THR A 221 -8.24 -9.26 28.27
N PHE A 222 -8.74 -8.07 28.59
CA PHE A 222 -8.27 -7.32 29.75
C PHE A 222 -9.24 -7.48 30.91
N ASN A 223 -8.71 -7.26 32.13
CA ASN A 223 -9.52 -7.45 33.33
C ASN A 223 -10.65 -6.43 33.41
N ILE A 224 -10.45 -5.22 32.87
CA ILE A 224 -11.54 -4.27 32.80
C ILE A 224 -12.63 -4.81 31.88
N LYS A 225 -13.88 -4.48 32.19
CA LYS A 225 -15.00 -4.94 31.39
C LYS A 225 -15.21 -4.03 30.19
N LEU A 226 -15.45 -4.63 29.03
CA LEU A 226 -15.83 -3.86 27.87
C LEU A 226 -17.27 -3.40 28.04
N SER A 227 -17.45 -2.25 28.67
CA SER A 227 -18.78 -1.78 29.03
C SER A 227 -19.63 -1.58 27.78
N SER A 228 -20.91 -1.95 27.88
CA SER A 228 -21.82 -1.99 26.74
C SER A 228 -22.00 -0.62 26.10
N PRO A 229 -21.57 -0.45 24.85
CA PRO A 229 -21.90 0.77 24.12
C PRO A 229 -23.35 0.74 23.66
N VAL A 230 -24.00 1.89 23.74
CA VAL A 230 -25.41 1.99 23.35
C VAL A 230 -25.47 1.86 21.83
N LYS A 231 -25.91 0.71 21.33
CA LYS A 231 -25.98 0.49 19.89
C LYS A 231 -26.97 1.47 19.26
N ARG A 232 -26.62 1.97 18.09
CA ARG A 232 -27.46 2.95 17.42
C ARG A 232 -28.81 2.32 17.07
N PRO A 233 -29.92 2.91 17.49
CA PRO A 233 -31.23 2.33 17.19
C PRO A 233 -31.53 2.39 15.70
N ARG A 234 -32.64 1.78 15.33
CA ARG A 234 -33.08 1.82 13.94
C ARG A 234 -33.43 3.25 13.54
N LYS A 235 -33.48 3.49 12.23
CA LYS A 235 -33.74 4.83 11.71
C LYS A 235 -35.07 5.35 12.24
N GLU A 236 -35.02 6.39 13.08
CA GLU A 236 -36.22 6.93 13.68
C GLU A 236 -37.12 7.56 12.60
N PRO A 237 -38.43 7.47 12.76
CA PRO A 237 -39.35 8.07 11.78
C PRO A 237 -39.16 9.59 11.73
N VAL A 238 -39.09 10.12 10.51
CA VAL A 238 -38.86 11.54 10.29
C VAL A 238 -40.09 12.12 9.61
N ASP A 239 -40.19 13.45 9.66
CA ASP A 239 -41.25 14.17 8.97
C ASP A 239 -40.98 14.11 7.48
N GLU A 240 -41.68 13.22 6.78
CA GLU A 240 -41.37 12.98 5.37
C GLU A 240 -41.74 14.16 4.48
N ASP A 241 -42.54 15.10 4.97
CA ASP A 241 -42.80 16.32 4.21
C ASP A 241 -41.70 17.35 4.41
N LEU A 242 -41.21 17.47 5.65
CA LEU A 242 -40.15 18.44 5.93
C LEU A 242 -38.82 17.98 5.34
N TYR A 243 -38.57 16.67 5.33
CA TYR A 243 -37.33 16.09 4.80
C TYR A 243 -37.73 15.07 3.74
N PRO A 244 -38.11 15.52 2.55
CA PRO A 244 -38.68 14.60 1.56
C PRO A 244 -37.69 13.64 0.94
N GLU A 245 -36.39 13.91 1.03
CA GLU A 245 -35.39 13.03 0.42
C GLU A 245 -34.75 12.07 1.41
N HIS A 246 -35.13 12.14 2.69
CA HIS A 246 -34.55 11.25 3.69
C HIS A 246 -34.80 9.78 3.36
N TYR A 247 -35.90 9.49 2.66
CA TYR A 247 -36.20 8.11 2.28
C TYR A 247 -35.11 7.51 1.41
N ARG A 248 -34.32 8.33 0.72
CA ARG A 248 -33.24 7.79 -0.10
C ARG A 248 -32.07 7.27 0.73
N LYS A 249 -32.12 7.39 2.06
CA LYS A 249 -31.08 6.87 2.93
C LYS A 249 -31.44 5.53 3.54
N TYR A 250 -32.17 4.69 2.81
CA TYR A 250 -32.60 3.41 3.36
C TYR A 250 -31.43 2.48 3.66
N SER A 251 -30.29 2.66 3.01
CA SER A 251 -29.10 1.91 3.34
C SER A 251 -28.46 2.47 4.61
N ASP A 252 -27.93 1.58 5.44
CA ASP A 252 -27.31 1.95 6.69
C ASP A 252 -25.79 2.08 6.58
N TYR A 253 -25.25 1.97 5.37
CA TYR A 253 -23.80 2.08 5.18
C TYR A 253 -23.38 3.55 5.17
N ILE A 254 -22.41 3.89 6.00
CA ILE A 254 -21.92 5.25 6.14
C ILE A 254 -20.53 5.31 5.52
N LYS A 255 -20.36 6.21 4.55
CA LYS A 255 -19.06 6.40 3.90
C LYS A 255 -18.09 7.06 4.87
N GLY A 256 -16.88 6.52 4.96
CA GLY A 256 -15.88 7.07 5.84
C GLY A 256 -15.97 6.64 7.28
N SER A 257 -16.87 5.73 7.63
CA SER A 257 -17.04 5.31 9.01
C SER A 257 -15.98 4.28 9.40
N ASN A 258 -15.58 4.32 10.67
CA ASN A 258 -14.57 3.42 11.21
C ASN A 258 -15.16 2.38 12.16
N LEU A 259 -16.48 2.21 12.17
CA LEU A 259 -17.10 1.23 13.05
C LEU A 259 -16.73 -0.20 12.68
N ASP A 260 -16.30 -0.44 11.45
CA ASP A 260 -15.87 -1.75 11.00
C ASP A 260 -14.36 -1.92 10.98
N ALA A 261 -13.61 -0.90 11.39
CA ALA A 261 -12.16 -1.02 11.43
C ALA A 261 -11.75 -2.03 12.50
N PRO A 262 -10.83 -2.94 12.21
CA PRO A 262 -10.46 -3.96 13.20
C PRO A 262 -9.63 -3.36 14.33
N GLU A 263 -9.61 -4.10 15.44
CA GLU A 263 -8.78 -3.70 16.56
C GLU A 263 -7.30 -3.90 16.24
N PRO A 264 -6.42 -3.05 16.76
CA PRO A 264 -4.98 -3.27 16.57
C PRO A 264 -4.46 -4.43 17.39
N TYR A 265 -3.17 -4.72 17.26
CA TYR A 265 -2.58 -5.86 17.95
C TYR A 265 -2.66 -5.71 19.47
N ARG A 266 -2.85 -6.84 20.15
CA ARG A 266 -2.45 -6.92 21.55
C ARG A 266 -0.93 -6.89 21.62
N ILE A 267 -0.40 -6.24 22.66
CA ILE A 267 1.04 -6.16 22.87
C ILE A 267 1.37 -6.93 24.14
N GLY A 268 2.24 -7.92 24.02
CA GLY A 268 2.65 -8.67 25.20
C GLY A 268 4.15 -8.66 25.41
N ARG A 269 4.59 -8.89 26.64
CA ARG A 269 6.00 -9.09 26.94
C ARG A 269 6.20 -10.54 27.38
N ILE A 270 7.13 -11.23 26.74
CA ILE A 270 7.34 -12.66 26.98
C ILE A 270 7.88 -12.83 28.40
N LYS A 271 7.06 -13.38 29.29
CA LYS A 271 7.54 -13.79 30.60
C LYS A 271 8.11 -15.20 30.58
N GLU A 272 7.46 -16.11 29.84
CA GLU A 272 7.93 -17.48 29.75
C GLU A 272 7.73 -18.01 28.34
N ILE A 273 8.69 -18.81 27.87
CA ILE A 273 8.52 -19.68 26.72
C ILE A 273 8.64 -21.11 27.24
N PHE A 274 7.65 -21.95 26.93
CA PHE A 274 7.70 -23.29 27.50
C PHE A 274 6.98 -24.28 26.59
N CYS A 275 7.28 -25.55 26.80
CA CYS A 275 6.64 -26.66 26.11
C CYS A 275 6.15 -27.68 27.14
N PRO A 276 4.99 -28.28 26.90
CA PRO A 276 4.54 -29.36 27.80
C PRO A 276 5.46 -30.56 27.72
N LYS A 277 5.55 -31.28 28.84
CA LYS A 277 6.41 -32.44 28.97
C LYS A 277 5.63 -33.70 28.65
N LYS A 278 6.21 -34.56 27.82
CA LYS A 278 5.66 -35.90 27.65
C LYS A 278 5.78 -36.67 28.96
N SER A 279 5.02 -37.76 29.07
CA SER A 279 5.02 -38.56 30.29
C SER A 279 6.40 -39.11 30.62
N ASN A 280 7.29 -39.21 29.63
CA ASN A 280 8.67 -39.64 29.86
C ASN A 280 9.58 -38.50 30.30
N GLY A 281 9.05 -37.29 30.39
CA GLY A 281 9.82 -36.13 30.81
C GLY A 281 10.35 -35.28 29.68
N ARG A 282 10.36 -35.80 28.45
CA ARG A 282 10.84 -35.01 27.32
C ARG A 282 9.80 -33.98 26.90
N PRO A 283 10.22 -32.77 26.55
CA PRO A 283 9.27 -31.74 26.16
C PRO A 283 8.62 -32.04 24.82
N ASN A 284 7.37 -31.59 24.67
CA ASN A 284 6.66 -31.65 23.39
C ASN A 284 6.99 -30.37 22.64
N GLU A 285 8.05 -30.42 21.84
CA GLU A 285 8.55 -29.23 21.16
C GLU A 285 7.71 -28.85 19.94
N THR A 286 6.72 -29.67 19.57
CA THR A 286 5.79 -29.32 18.51
C THR A 286 4.61 -28.48 19.02
N ASP A 287 4.53 -28.26 20.34
CA ASP A 287 3.45 -27.48 20.96
C ASP A 287 4.14 -26.44 21.85
N ILE A 288 4.43 -25.27 21.28
CA ILE A 288 5.16 -24.22 21.98
C ILE A 288 4.17 -23.20 22.50
N LYS A 289 4.22 -22.93 23.81
CA LYS A 289 3.37 -21.95 24.46
C LYS A 289 4.24 -20.82 25.01
N ILE A 290 3.66 -19.63 25.12
CA ILE A 290 4.32 -18.49 25.73
C ILE A 290 3.37 -17.83 26.73
N ARG A 291 3.89 -17.51 27.90
CA ARG A 291 3.18 -16.72 28.90
C ARG A 291 3.68 -15.28 28.81
N VAL A 292 2.76 -14.34 28.67
CA VAL A 292 3.08 -12.95 28.41
C VAL A 292 2.42 -12.06 29.45
N ASN A 293 3.03 -10.90 29.70
CA ASN A 293 2.44 -9.85 30.50
C ASN A 293 1.65 -8.90 29.60
N LYS A 294 0.50 -8.45 30.09
CA LYS A 294 -0.39 -7.63 29.29
C LYS A 294 0.02 -6.16 29.33
N PHE A 295 -0.04 -5.53 28.15
CA PHE A 295 0.12 -4.09 28.01
C PHE A 295 -1.23 -3.50 27.64
N TYR A 296 -1.59 -2.41 28.31
CA TYR A 296 -2.82 -1.68 28.05
C TYR A 296 -2.52 -0.53 27.10
N ARG A 297 -3.21 -0.49 25.97
CA ARG A 297 -3.30 0.76 25.26
C ARG A 297 -4.15 1.72 26.10
N PRO A 298 -3.97 3.02 25.94
CA PRO A 298 -4.83 3.95 26.71
C PRO A 298 -6.30 3.67 26.53
N GLU A 299 -6.74 3.44 25.29
CA GLU A 299 -8.15 3.15 25.02
C GLU A 299 -8.58 1.82 25.62
N ASN A 300 -7.63 0.98 26.05
CA ASN A 300 -7.95 -0.28 26.72
C ASN A 300 -8.18 -0.12 28.22
N THR A 301 -7.95 1.05 28.79
CA THR A 301 -8.13 1.22 30.23
C THR A 301 -9.60 1.48 30.54
N HIS A 302 -9.91 1.75 31.81
CA HIS A 302 -11.28 2.13 32.15
C HIS A 302 -11.70 3.39 31.39
N LYS A 303 -10.75 4.29 31.14
CA LYS A 303 -10.97 5.35 30.17
C LYS A 303 -11.03 4.72 28.78
N SER A 304 -12.15 4.96 28.08
CA SER A 304 -12.39 4.35 26.78
C SER A 304 -11.63 5.09 25.70
N THR A 305 -12.05 4.91 24.45
CA THR A 305 -11.51 5.54 23.25
C THR A 305 -11.01 6.97 23.44
N PRO A 306 -11.70 7.85 24.18
CA PRO A 306 -11.17 9.22 24.34
C PRO A 306 -9.75 9.29 24.86
N ALA A 307 -9.31 8.32 25.67
CA ALA A 307 -7.94 8.34 26.19
C ALA A 307 -6.90 8.27 25.07
N SER A 308 -7.28 7.82 23.88
CA SER A 308 -6.36 7.76 22.75
C SER A 308 -6.25 9.09 22.00
N TYR A 309 -7.11 10.07 22.29
CA TYR A 309 -7.11 11.30 21.52
C TYR A 309 -5.81 12.06 21.66
N HIS A 310 -5.27 12.14 22.88
CA HIS A 310 -4.05 12.88 23.13
C HIS A 310 -2.80 12.01 23.20
N ALA A 311 -2.95 10.72 23.53
CA ALA A 311 -1.80 9.87 23.79
C ALA A 311 -0.98 9.64 22.52
N ASP A 312 0.31 9.37 22.73
CA ASP A 312 1.15 8.93 21.62
C ASP A 312 0.63 7.61 21.08
N ILE A 313 0.74 7.44 19.76
CA ILE A 313 0.21 6.24 19.14
CA ILE A 313 0.24 6.24 19.09
C ILE A 313 0.95 4.99 19.59
N ASN A 314 2.15 5.13 20.14
CA ASN A 314 2.95 4.00 20.59
C ASN A 314 3.12 3.97 22.11
N LEU A 315 2.26 4.68 22.85
CA LEU A 315 2.35 4.70 24.30
C LEU A 315 1.50 3.57 24.87
N LEU A 316 2.06 2.84 25.84
CA LEU A 316 1.38 1.73 26.49
C LEU A 316 1.49 1.88 28.00
N TYR A 317 0.74 1.04 28.69
CA TYR A 317 0.77 0.94 30.15
C TYR A 317 1.09 -0.49 30.53
N TRP A 318 2.09 -0.66 31.40
CA TRP A 318 2.40 -1.99 31.91
C TRP A 318 1.24 -2.51 32.76
N SER A 319 1.02 -3.83 32.73
CA SER A 319 0.11 -4.44 33.68
C SER A 319 0.73 -5.72 34.22
N ASP A 320 0.29 -6.12 35.41
CA ASP A 320 0.69 -7.38 36.01
C ASP A 320 -0.22 -8.54 35.58
N GLU A 321 -1.20 -8.28 34.74
CA GLU A 321 -2.04 -9.35 34.21
C GLU A 321 -1.23 -10.22 33.26
N GLU A 322 -1.53 -11.52 33.26
CA GLU A 322 -0.79 -12.48 32.46
C GLU A 322 -1.76 -13.31 31.64
N ALA A 323 -1.24 -13.87 30.54
CA ALA A 323 -2.02 -14.74 29.67
C ALA A 323 -1.09 -15.71 28.98
N VAL A 324 -1.60 -16.90 28.70
CA VAL A 324 -0.87 -17.94 27.99
C VAL A 324 -1.50 -18.11 26.61
N VAL A 325 -0.68 -17.99 25.57
CA VAL A 325 -1.12 -18.15 24.19
C VAL A 325 -0.18 -19.11 23.48
N ASP A 326 -0.67 -19.66 22.37
CA ASP A 326 0.18 -20.51 21.54
C ASP A 326 1.21 -19.68 20.80
N PHE A 327 2.40 -20.25 20.63
CA PHE A 327 3.47 -19.53 19.95
C PHE A 327 3.14 -19.26 18.50
N LYS A 328 2.34 -20.12 17.87
CA LYS A 328 1.95 -19.92 16.48
C LYS A 328 1.10 -18.67 16.29
N ALA A 329 0.51 -18.14 17.37
CA ALA A 329 -0.33 -16.96 17.29
C ALA A 329 0.45 -15.65 17.24
N VAL A 330 1.77 -15.70 17.43
CA VAL A 330 2.57 -14.48 17.41
C VAL A 330 2.59 -13.92 15.99
N GLN A 331 2.24 -12.64 15.85
CA GLN A 331 2.20 -12.00 14.55
C GLN A 331 3.49 -11.26 14.21
N GLY A 332 4.40 -11.11 15.16
CA GLY A 332 5.64 -10.41 14.92
C GLY A 332 6.28 -9.96 16.21
N ARG A 333 7.53 -9.52 16.08
CA ARG A 333 8.32 -9.04 17.20
C ARG A 333 8.24 -7.53 17.29
N CYS A 334 8.23 -7.01 18.52
CA CYS A 334 8.19 -5.58 18.75
C CYS A 334 8.99 -5.27 20.02
N THR A 335 9.44 -4.03 20.11
CA THR A 335 10.20 -3.55 21.25
C THR A 335 9.28 -2.74 22.16
N VAL A 336 9.32 -3.04 23.45
CA VAL A 336 8.57 -2.30 24.46
C VAL A 336 9.55 -1.90 25.56
N GLU A 337 9.69 -0.60 25.80
CA GLU A 337 10.69 -0.11 26.73
C GLU A 337 10.06 0.80 27.78
N TYR A 338 10.65 0.80 28.97
CA TYR A 338 10.33 1.79 29.99
C TYR A 338 11.07 3.08 29.66
N GLY A 339 10.33 4.18 29.54
CA GLY A 339 10.88 5.40 28.98
C GLY A 339 11.96 6.06 29.80
N GLU A 340 11.98 5.83 31.11
CA GLU A 340 12.91 6.55 31.98
C GLU A 340 14.34 6.10 31.79
N ASP A 341 14.57 4.79 31.64
CA ASP A 341 15.91 4.24 31.54
C ASP A 341 16.44 4.22 30.11
N LEU A 342 15.94 5.10 29.26
CA LEU A 342 16.23 5.13 27.84
C LEU A 342 17.44 6.03 27.56
N PRO A 343 18.36 5.58 26.70
CA PRO A 343 19.55 6.39 26.39
C PRO A 343 19.26 7.64 25.57
N GLU A 344 18.00 7.88 25.21
CA GLU A 344 17.61 8.98 24.35
C GLU A 344 16.22 9.43 24.76
N CYS A 345 15.81 10.59 24.25
CA CYS A 345 14.46 11.04 24.54
C CYS A 345 13.45 10.19 23.78
N VAL A 346 12.23 10.16 24.30
CA VAL A 346 11.22 9.22 23.83
C VAL A 346 10.89 9.48 22.36
N GLN A 347 10.90 10.75 21.93
CA GLN A 347 10.62 11.05 20.54
C GLN A 347 11.69 10.48 19.61
N VAL A 348 12.97 10.66 19.97
CA VAL A 348 14.05 10.10 19.17
C VAL A 348 13.94 8.59 19.11
N TYR A 349 13.62 7.96 20.25
CA TYR A 349 13.41 6.51 20.26
C TYR A 349 12.29 6.11 19.31
N SER A 350 11.15 6.78 19.40
CA SER A 350 10.00 6.41 18.57
C SER A 350 10.29 6.61 17.10
N MET A 351 11.13 7.59 16.75
CA MET A 351 11.50 7.80 15.35
C MET A 351 12.70 6.98 14.92
N GLY A 352 13.35 6.26 15.83
CA GLY A 352 14.57 5.55 15.51
C GLY A 352 14.41 4.18 14.86
N GLY A 353 13.19 3.64 14.80
CA GLY A 353 13.00 2.33 14.23
C GLY A 353 11.57 1.83 14.29
N PRO A 354 11.30 0.73 13.59
CA PRO A 354 9.93 0.19 13.55
C PRO A 354 9.60 -0.63 14.79
N ASN A 355 8.29 -0.76 15.03
CA ASN A 355 7.74 -1.61 16.08
C ASN A 355 8.29 -1.25 17.46
N ARG A 356 8.28 0.05 17.75
CA ARG A 356 8.80 0.57 19.02
C ARG A 356 7.66 1.15 19.85
N PHE A 357 7.59 0.75 21.11
CA PHE A 357 6.58 1.20 22.05
C PHE A 357 7.25 1.49 23.38
N TYR A 358 6.66 2.41 24.13
CA TYR A 358 7.21 2.77 25.44
C TYR A 358 6.08 2.90 26.45
N PHE A 359 6.41 2.65 27.70
CA PHE A 359 5.49 2.82 28.81
C PHE A 359 6.17 3.60 29.92
N LEU A 360 5.40 4.46 30.59
CA LEU A 360 5.89 5.25 31.71
C LEU A 360 5.24 4.89 33.04
N GLU A 361 3.99 4.45 33.02
CA GLU A 361 3.26 4.11 34.22
C GLU A 361 2.65 2.72 34.08
N ALA A 362 2.11 2.21 35.17
CA ALA A 362 1.41 0.94 35.20
C ALA A 362 -0.09 1.19 35.38
N TYR A 363 -0.88 0.17 35.11
CA TYR A 363 -2.33 0.26 35.23
C TYR A 363 -2.86 -0.90 36.05
N ASN A 364 -3.67 -0.59 37.06
CA ASN A 364 -4.34 -1.58 37.89
C ASN A 364 -5.82 -1.56 37.52
N ALA A 365 -6.28 -2.63 36.85
CA ALA A 365 -7.67 -2.69 36.42
C ALA A 365 -8.63 -2.70 37.60
N LYS A 366 -8.31 -3.47 38.65
CA LYS A 366 -9.17 -3.50 39.82
C LYS A 366 -9.24 -2.14 40.49
N SER A 367 -8.10 -1.45 40.59
CA SER A 367 -8.06 -0.13 41.22
C SER A 367 -8.45 1.00 40.28
N LYS A 368 -8.32 0.79 38.96
CA LYS A 368 -8.60 1.83 37.96
C LYS A 368 -7.78 3.10 38.23
N SER A 369 -6.51 2.91 38.54
CA SER A 369 -5.58 4.01 38.76
C SER A 369 -4.24 3.68 38.12
N PHE A 370 -3.39 4.69 38.01
CA PHE A 370 -2.09 4.57 37.35
C PHE A 370 -0.98 4.70 38.40
N GLU A 371 -0.43 3.57 38.82
CA GLU A 371 0.71 3.55 39.72
C GLU A 371 1.99 3.52 38.90
N ASP A 372 3.13 3.32 39.57
CA ASP A 372 4.36 3.23 38.80
C ASP A 372 4.73 1.76 38.58
N PRO A 373 5.40 1.46 37.47
CA PRO A 373 5.69 0.05 37.15
C PRO A 373 6.64 -0.56 38.17
N PRO A 374 6.53 -1.86 38.42
CA PRO A 374 7.43 -2.51 39.38
C PRO A 374 8.86 -2.58 38.85
N ASN A 375 9.77 -2.88 39.78
CA ASN A 375 11.19 -2.91 39.43
CA ASN A 375 11.20 -2.92 39.44
C ASN A 375 11.47 -3.94 38.34
N HIS A 376 10.88 -5.13 38.44
CA HIS A 376 11.13 -6.16 37.44
C HIS A 376 10.60 -5.77 36.06
N ALA A 377 9.80 -4.71 35.96
CA ALA A 377 9.37 -4.21 34.66
C ALA A 377 10.52 -3.55 33.89
N ARG A 378 11.64 -3.24 34.53
CA ARG A 378 12.76 -2.61 33.85
C ARG A 378 13.66 -3.69 33.24
N SER A 379 14.81 -3.28 32.70
CA SER A 379 15.77 -4.21 32.15
C SER A 379 17.20 -3.85 32.58
N LYS A 409 26.01 7.49 8.92
CA LYS A 409 24.94 6.78 8.22
C LYS A 409 25.24 6.67 6.73
N LEU A 410 24.33 6.01 6.01
CA LEU A 410 24.52 5.84 4.57
C LEU A 410 24.33 7.18 3.85
N PRO A 411 25.09 7.40 2.77
CA PRO A 411 24.83 8.57 1.93
C PRO A 411 23.50 8.43 1.20
N LYS A 412 22.84 9.57 0.99
CA LYS A 412 21.55 9.57 0.33
C LYS A 412 21.71 9.42 -1.18
N LEU A 413 20.74 8.77 -1.80
CA LEU A 413 20.74 8.60 -3.24
C LEU A 413 20.36 9.91 -3.92
N ARG A 414 21.13 10.29 -4.94
CA ARG A 414 20.76 11.43 -5.76
C ARG A 414 19.55 11.06 -6.61
N THR A 415 18.44 11.78 -6.42
CA THR A 415 17.15 11.35 -6.93
C THR A 415 16.60 12.37 -7.92
N LEU A 416 16.02 11.85 -8.99
CA LEU A 416 15.26 12.62 -9.97
C LEU A 416 13.79 12.27 -9.81
N ASP A 417 12.96 13.29 -9.60
CA ASP A 417 11.52 13.11 -9.38
C ASP A 417 10.78 13.74 -10.55
N VAL A 418 10.30 12.90 -11.46
CA VAL A 418 9.59 13.34 -12.66
C VAL A 418 8.10 13.45 -12.31
N PHE A 419 7.45 14.49 -12.84
CA PHE A 419 6.06 14.82 -12.51
C PHE A 419 5.91 14.99 -11.00
N SER A 420 6.83 15.76 -10.42
CA SER A 420 6.96 15.82 -8.97
C SER A 420 5.76 16.48 -8.30
N GLY A 421 5.13 17.45 -8.95
CA GLY A 421 4.15 18.24 -8.23
C GLY A 421 4.84 19.14 -7.22
N CYS A 422 4.15 19.40 -6.11
CA CYS A 422 4.76 20.20 -5.05
C CYS A 422 5.77 19.43 -4.23
N GLY A 423 5.81 18.10 -4.35
CA GLY A 423 6.89 17.33 -3.76
C GLY A 423 6.52 16.43 -2.61
N GLY A 424 5.30 15.89 -2.61
CA GLY A 424 4.92 14.97 -1.55
C GLY A 424 5.73 13.69 -1.54
N LEU A 425 5.93 13.10 -2.72
CA LEU A 425 6.72 11.87 -2.81
C LEU A 425 8.17 12.10 -2.40
N SER A 426 8.76 13.21 -2.88
CA SER A 426 10.12 13.53 -2.50
C SER A 426 10.24 13.81 -1.00
N GLU A 427 9.24 14.49 -0.44
CA GLU A 427 9.26 14.77 1.00
C GLU A 427 9.19 13.47 1.81
N GLY A 428 8.32 12.55 1.41
CA GLY A 428 8.27 11.27 2.09
C GLY A 428 9.56 10.49 1.98
N PHE A 429 10.17 10.48 0.79
CA PHE A 429 11.44 9.80 0.62
C PHE A 429 12.53 10.44 1.47
N HIS A 430 12.55 11.77 1.56
CA HIS A 430 13.53 12.45 2.39
C HIS A 430 13.31 12.12 3.86
N GLN A 431 12.06 12.07 4.30
CA GLN A 431 11.76 11.68 5.68
C GLN A 431 12.26 10.26 5.94
N ALA A 432 12.16 9.38 4.95
CA ALA A 432 12.75 8.05 5.08
C ALA A 432 14.27 8.09 5.14
N GLY A 433 14.90 9.20 4.78
CA GLY A 433 16.34 9.33 4.88
C GLY A 433 17.12 8.60 3.80
N ILE A 434 16.55 8.44 2.62
CA ILE A 434 17.19 7.68 1.55
C ILE A 434 17.60 8.53 0.36
N SER A 435 17.08 9.75 0.23
CA SER A 435 17.18 10.46 -1.04
C SER A 435 17.42 11.95 -0.83
N ASP A 436 18.23 12.51 -1.71
CA ASP A 436 18.29 13.96 -1.95
C ASP A 436 17.77 14.18 -3.36
N THR A 437 16.58 14.76 -3.48
CA THR A 437 15.99 15.03 -4.79
C THR A 437 16.73 16.21 -5.39
N LEU A 438 17.69 15.93 -6.27
CA LEU A 438 18.51 16.98 -6.86
C LEU A 438 17.88 17.57 -8.11
N TRP A 439 17.06 16.80 -8.81
CA TRP A 439 16.40 17.27 -10.02
C TRP A 439 14.93 16.90 -9.97
N ALA A 440 14.08 17.84 -10.38
CA ALA A 440 12.65 17.61 -10.46
C ALA A 440 12.12 18.15 -11.77
N ILE A 441 11.12 17.47 -12.33
CA ILE A 441 10.46 17.90 -13.55
C ILE A 441 8.98 18.09 -13.22
N GLU A 442 8.50 19.33 -13.33
CA GLU A 442 7.10 19.65 -13.09
C GLU A 442 6.69 20.73 -14.08
N MET A 443 5.78 20.38 -14.98
CA MET A 443 5.36 21.32 -16.02
C MET A 443 4.40 22.38 -15.49
N TRP A 444 3.64 22.07 -14.44
CA TRP A 444 2.72 23.04 -13.87
C TRP A 444 3.47 24.02 -12.97
N ASP A 445 3.47 25.29 -13.36
CA ASP A 445 4.35 26.27 -12.71
C ASP A 445 4.06 26.49 -11.23
N PRO A 446 2.82 26.62 -10.75
CA PRO A 446 2.63 26.77 -9.30
C PRO A 446 3.19 25.62 -8.48
N ALA A 447 2.99 24.39 -8.94
CA ALA A 447 3.56 23.24 -8.24
C ALA A 447 5.08 23.26 -8.30
N ALA A 448 5.64 23.65 -9.45
CA ALA A 448 7.09 23.76 -9.56
C ALA A 448 7.63 24.80 -8.58
N GLN A 449 6.93 25.93 -8.44
CA GLN A 449 7.33 26.96 -7.49
C GLN A 449 7.25 26.46 -6.05
N ALA A 450 6.20 25.71 -5.72
CA ALA A 450 6.10 25.13 -4.38
C ALA A 450 7.24 24.16 -4.11
N PHE A 451 7.58 23.33 -5.10
CA PHE A 451 8.70 22.41 -4.95
C PHE A 451 10.01 23.18 -4.75
N ARG A 452 10.20 24.26 -5.49
CA ARG A 452 11.39 25.09 -5.29
C ARG A 452 11.41 25.66 -3.87
N LEU A 453 10.26 26.15 -3.39
CA LEU A 453 10.20 26.72 -2.05
C LEU A 453 10.59 25.69 -1.01
N ASN A 454 10.11 24.45 -1.15
CA ASN A 454 10.41 23.44 -0.15
C ASN A 454 11.75 22.75 -0.36
N ASN A 455 12.37 22.89 -1.53
CA ASN A 455 13.62 22.19 -1.84
C ASN A 455 14.61 23.14 -2.49
N PRO A 456 15.18 24.07 -1.72
CA PRO A 456 16.30 24.86 -2.24
C PRO A 456 17.48 23.95 -2.51
N GLY A 457 18.28 24.31 -3.52
CA GLY A 457 19.38 23.47 -3.93
C GLY A 457 19.00 22.32 -4.83
N SER A 458 17.73 22.20 -5.21
CA SER A 458 17.28 21.23 -6.18
C SER A 458 16.93 21.95 -7.48
N THR A 459 17.29 21.34 -8.60
CA THR A 459 17.06 21.92 -9.92
C THR A 459 15.70 21.46 -10.42
N VAL A 460 14.78 22.41 -10.58
CA VAL A 460 13.41 22.12 -11.02
C VAL A 460 13.29 22.52 -12.48
N PHE A 461 12.94 21.56 -13.34
CA PHE A 461 12.72 21.79 -14.76
C PHE A 461 11.22 21.87 -15.02
N THR A 462 10.80 22.91 -15.72
CA THR A 462 9.41 23.05 -16.12
C THR A 462 9.17 22.62 -17.57
N GLU A 463 10.19 22.13 -18.26
CA GLU A 463 10.06 21.75 -19.65
C GLU A 463 9.40 20.38 -19.78
N ASP A 464 9.01 20.06 -21.02
CA ASP A 464 8.54 18.72 -21.33
C ASP A 464 9.69 17.72 -21.13
N CYS A 465 9.39 16.61 -20.46
CA CYS A 465 10.43 15.64 -20.15
C CYS A 465 11.00 15.02 -21.42
N ASN A 466 10.18 14.90 -22.47
CA ASN A 466 10.70 14.42 -23.75
C ASN A 466 11.74 15.40 -24.30
N ILE A 467 11.48 16.70 -24.20
CA ILE A 467 12.44 17.70 -24.66
C ILE A 467 13.73 17.60 -23.86
N LEU A 468 13.62 17.48 -22.54
CA LEU A 468 14.81 17.37 -21.70
C LEU A 468 15.63 16.13 -22.05
N LEU A 469 14.96 14.99 -22.20
CA LEU A 469 15.66 13.76 -22.52
C LEU A 469 16.31 13.84 -23.90
N LYS A 470 15.63 14.46 -24.86
CA LYS A 470 16.21 14.64 -26.18
C LYS A 470 17.46 15.51 -26.12
N LEU A 471 17.42 16.58 -25.32
CA LEU A 471 18.61 17.41 -25.16
C LEU A 471 19.77 16.63 -24.57
N VAL A 472 19.48 15.84 -23.52
CA VAL A 472 20.53 15.06 -22.87
C VAL A 472 21.14 14.08 -23.86
N MET A 473 20.29 13.38 -24.63
CA MET A 473 20.79 12.42 -25.61
C MET A 473 21.57 13.11 -26.72
N ALA A 474 21.15 14.32 -27.13
CA ALA A 474 21.88 15.07 -28.13
C ALA A 474 23.23 15.54 -27.61
N GLY A 475 23.41 15.56 -26.30
CA GLY A 475 24.69 15.92 -25.72
C GLY A 475 24.75 17.29 -25.08
N GLU A 476 23.62 17.95 -24.91
CA GLU A 476 23.59 19.21 -24.20
C GLU A 476 23.95 19.00 -22.73
N THR A 477 24.54 20.03 -22.13
CA THR A 477 24.82 20.02 -20.70
C THR A 477 23.90 20.93 -19.89
N THR A 478 23.31 21.94 -20.52
CA THR A 478 22.40 22.85 -19.86
C THR A 478 21.16 23.08 -20.72
N ASN A 479 20.04 23.32 -20.06
CA ASN A 479 18.80 23.65 -20.75
C ASN A 479 18.81 25.13 -21.13
N SER A 480 17.71 25.59 -21.72
CA SER A 480 17.64 26.99 -22.16
C SER A 480 17.61 27.96 -21.00
N ARG A 481 17.40 27.50 -19.78
CA ARG A 481 17.47 28.35 -18.60
C ARG A 481 18.87 28.38 -17.98
N GLY A 482 19.81 27.61 -18.51
CA GLY A 482 21.12 27.48 -17.92
C GLY A 482 21.25 26.40 -16.87
N GLN A 483 20.15 25.75 -16.51
CA GLN A 483 20.20 24.68 -15.51
C GLN A 483 20.95 23.47 -16.05
N ARG A 484 21.84 22.92 -15.23
CA ARG A 484 22.64 21.77 -15.65
C ARG A 484 21.76 20.53 -15.75
N LEU A 485 21.86 19.84 -16.89
CA LEU A 485 21.08 18.63 -17.13
C LEU A 485 21.71 17.44 -16.41
N PRO A 486 20.91 16.58 -15.79
CA PRO A 486 21.46 15.35 -15.20
C PRO A 486 21.98 14.41 -16.28
N GLN A 487 23.10 13.77 -15.99
CA GLN A 487 23.76 12.87 -16.92
C GLN A 487 23.77 11.46 -16.35
N LYS A 488 24.24 10.52 -17.16
CA LYS A 488 24.35 9.13 -16.71
C LYS A 488 25.29 9.06 -15.52
N GLY A 489 24.86 8.35 -14.48
CA GLY A 489 25.59 8.26 -13.25
C GLY A 489 25.19 9.28 -12.20
N ASP A 490 24.59 10.40 -12.62
CA ASP A 490 24.09 11.37 -11.65
C ASP A 490 22.82 10.86 -10.97
N VAL A 491 21.92 10.24 -11.75
CA VAL A 491 20.63 9.79 -11.22
C VAL A 491 20.83 8.43 -10.55
N GLU A 492 20.77 8.41 -9.23
CA GLU A 492 20.88 7.17 -8.48
C GLU A 492 19.52 6.54 -8.17
N MET A 493 18.48 7.35 -8.03
CA MET A 493 17.12 6.85 -7.89
C MET A 493 16.19 7.69 -8.76
N LEU A 494 15.21 7.02 -9.38
CA LEU A 494 14.23 7.67 -10.23
C LEU A 494 12.84 7.34 -9.72
N CYS A 495 12.04 8.38 -9.45
CA CYS A 495 10.68 8.17 -8.98
C CYS A 495 9.76 9.14 -9.71
N GLY A 496 8.49 8.76 -9.83
CA GLY A 496 7.52 9.67 -10.41
C GLY A 496 6.16 9.02 -10.56
N GLY A 497 5.17 9.87 -10.84
CA GLY A 497 3.87 9.42 -11.25
C GLY A 497 3.43 10.02 -12.56
N PRO A 498 3.39 9.22 -13.61
CA PRO A 498 3.02 9.74 -14.93
C PRO A 498 1.51 9.69 -15.14
N PRO A 499 0.92 10.76 -15.65
CA PRO A 499 -0.51 10.71 -15.99
C PRO A 499 -0.76 9.81 -17.18
N CYS A 500 -1.98 9.27 -17.24
CA CYS A 500 -2.34 8.31 -18.29
C CYS A 500 -3.52 8.80 -19.11
N GLN A 501 -3.49 10.07 -19.52
CA GLN A 501 -4.57 10.63 -20.31
C GLN A 501 -4.63 9.99 -21.69
N GLY A 502 -5.84 9.69 -22.15
CA GLY A 502 -6.08 9.15 -23.46
C GLY A 502 -6.21 7.64 -23.52
N PHE A 503 -5.70 6.93 -22.52
CA PHE A 503 -5.78 5.48 -22.48
C PHE A 503 -6.10 4.99 -21.07
N SER A 504 -6.87 5.77 -20.31
CA SER A 504 -7.25 5.43 -18.95
C SER A 504 -8.52 4.58 -18.88
N GLY A 505 -8.89 3.93 -19.98
CA GLY A 505 -10.06 3.07 -19.98
C GLY A 505 -9.72 1.61 -19.72
N MET A 506 -10.76 0.83 -19.44
CA MET A 506 -10.61 -0.59 -19.21
C MET A 506 -10.74 -1.42 -20.48
N ASN A 507 -11.28 -0.84 -21.55
CA ASN A 507 -11.45 -1.57 -22.80
C ASN A 507 -10.10 -1.90 -23.42
N ARG A 508 -10.10 -2.92 -24.27
CA ARG A 508 -8.86 -3.38 -24.88
C ARG A 508 -8.30 -2.32 -25.83
N PHE A 509 -7.02 -2.47 -26.14
CA PHE A 509 -6.34 -1.53 -27.02
C PHE A 509 -6.90 -1.57 -28.44
N ASN A 510 -6.56 -0.54 -29.20
CA ASN A 510 -6.64 -0.56 -30.65
C ASN A 510 -5.42 0.20 -31.17
N SER A 511 -5.37 0.42 -32.49
CA SER A 511 -4.20 1.07 -33.07
C SER A 511 -4.01 2.47 -32.51
N ARG A 512 -5.09 3.24 -32.44
CA ARG A 512 -4.99 4.64 -32.01
C ARG A 512 -4.60 4.74 -30.53
N THR A 513 -5.26 3.98 -29.66
CA THR A 513 -4.94 4.04 -28.24
C THR A 513 -3.54 3.51 -27.97
N TYR A 514 -3.12 2.47 -28.70
CA TYR A 514 -1.76 1.97 -28.51
C TYR A 514 -0.71 2.97 -28.96
N SER A 515 -0.98 3.69 -30.06
CA SER A 515 -0.07 4.76 -30.46
C SER A 515 0.00 5.85 -29.41
N LYS A 516 -1.17 6.25 -28.88
CA LYS A 516 -1.18 7.26 -27.83
C LYS A 516 -0.41 6.79 -26.60
N PHE A 517 -0.47 5.49 -26.30
CA PHE A 517 0.27 4.97 -25.15
C PHE A 517 1.78 4.99 -25.42
N LYS A 518 2.21 4.53 -26.60
CA LYS A 518 3.64 4.52 -26.86
C LYS A 518 4.20 5.92 -27.08
N ASN A 519 3.34 6.93 -27.21
CA ASN A 519 3.79 8.32 -27.20
C ASN A 519 3.46 9.02 -25.88
N SER A 520 3.29 8.26 -24.79
CA SER A 520 2.77 8.81 -23.55
C SER A 520 3.87 9.08 -22.53
N LEU A 521 3.46 9.76 -21.45
CA LEU A 521 4.40 10.10 -20.39
C LEU A 521 4.83 8.87 -19.60
N VAL A 522 4.01 7.81 -19.58
CA VAL A 522 4.45 6.55 -18.97
C VAL A 522 5.65 5.99 -19.74
N VAL A 523 5.55 5.95 -21.06
CA VAL A 523 6.65 5.47 -21.88
C VAL A 523 7.85 6.42 -21.77
N SER A 524 7.59 7.73 -21.66
CA SER A 524 8.68 8.67 -21.46
CA SER A 524 8.68 8.67 -21.46
C SER A 524 9.42 8.40 -20.16
N PHE A 525 8.68 8.13 -19.08
CA PHE A 525 9.28 7.82 -17.79
C PHE A 525 10.09 6.53 -17.87
N LEU A 526 9.57 5.54 -18.58
CA LEU A 526 10.32 4.30 -18.78
C LEU A 526 11.60 4.56 -19.59
N SER A 527 11.54 5.47 -20.56
CA SER A 527 12.73 5.83 -21.31
C SER A 527 13.75 6.52 -20.41
N TYR A 528 13.29 7.37 -19.50
CA TYR A 528 14.19 7.97 -18.51
C TYR A 528 14.88 6.90 -17.70
N CYS A 529 14.11 5.91 -17.25
CA CYS A 529 14.68 4.81 -16.48
C CYS A 529 15.70 4.04 -17.30
N ASP A 530 15.39 3.76 -18.56
CA ASP A 530 16.30 3.01 -19.42
C ASP A 530 17.59 3.77 -19.67
N TYR A 531 17.48 5.10 -19.85
CA TYR A 531 18.67 5.89 -20.15
C TYR A 531 19.56 6.03 -18.92
N TYR A 532 19.00 6.46 -17.79
CA TYR A 532 19.83 6.76 -16.64
C TYR A 532 20.22 5.52 -15.85
N ARG A 533 19.40 4.47 -15.92
CA ARG A 533 19.64 3.22 -15.20
C ARG A 533 19.99 3.44 -13.73
N PRO A 534 19.07 4.02 -12.95
CA PRO A 534 19.34 4.24 -11.53
C PRO A 534 19.30 2.93 -10.75
N ARG A 535 19.76 3.02 -9.50
CA ARG A 535 19.73 1.86 -8.62
C ARG A 535 18.29 1.46 -8.29
N PHE A 536 17.41 2.43 -8.10
CA PHE A 536 16.03 2.15 -7.73
C PHE A 536 15.07 3.01 -8.56
N PHE A 537 13.90 2.45 -8.84
CA PHE A 537 12.90 3.06 -9.71
C PHE A 537 11.53 2.87 -9.09
N LEU A 538 10.75 3.96 -9.05
CA LEU A 538 9.42 3.95 -8.46
C LEU A 538 8.44 4.64 -9.41
N LEU A 539 7.39 3.93 -9.80
CA LEU A 539 6.28 4.51 -10.54
C LEU A 539 5.03 4.42 -9.67
N GLU A 540 4.48 5.57 -9.29
CA GLU A 540 3.24 5.62 -8.55
C GLU A 540 2.13 6.11 -9.46
N ASN A 541 0.91 5.61 -9.23
CA ASN A 541 -0.21 5.98 -10.08
C ASN A 541 -1.50 5.67 -9.34
N VAL A 542 -2.64 6.00 -9.98
CA VAL A 542 -3.93 5.62 -9.42
C VAL A 542 -4.04 4.09 -9.40
N ARG A 543 -4.99 3.60 -8.61
CA ARG A 543 -5.13 2.16 -8.43
C ARG A 543 -5.40 1.46 -9.76
N ASN A 544 -6.32 2.01 -10.56
CA ASN A 544 -6.74 1.36 -11.79
C ASN A 544 -5.64 1.29 -12.84
N PHE A 545 -4.46 1.84 -12.56
CA PHE A 545 -3.30 1.67 -13.44
C PHE A 545 -3.01 0.20 -13.69
N VAL A 546 -3.23 -0.65 -12.68
CA VAL A 546 -2.98 -2.08 -12.82
C VAL A 546 -3.99 -2.78 -13.72
N SER A 547 -5.13 -2.15 -14.02
CA SER A 547 -6.16 -2.75 -14.86
CA SER A 547 -6.16 -2.75 -14.86
C SER A 547 -6.38 -2.04 -16.19
N PHE A 548 -5.75 -0.89 -16.42
CA PHE A 548 -5.98 -0.13 -17.64
C PHE A 548 -5.75 -0.97 -18.89
N LYS A 549 -6.70 -0.87 -19.81
CA LYS A 549 -6.61 -1.56 -21.12
C LYS A 549 -6.43 -3.06 -20.94
N ARG A 550 -7.25 -3.64 -20.06
CA ARG A 550 -7.16 -5.06 -19.70
C ARG A 550 -5.78 -5.38 -19.14
N SER A 551 -5.34 -4.55 -18.18
CA SER A 551 -4.04 -4.69 -17.50
C SER A 551 -2.87 -4.57 -18.46
N MET A 552 -3.10 -4.04 -19.66
CA MET A 552 -2.04 -4.01 -20.66
C MET A 552 -1.01 -2.93 -20.38
N VAL A 553 -1.43 -1.80 -19.81
CA VAL A 553 -0.46 -0.77 -19.42
C VAL A 553 0.52 -1.34 -18.40
N LEU A 554 -0.02 -2.03 -17.38
CA LEU A 554 0.83 -2.65 -16.37
C LEU A 554 1.75 -3.70 -16.98
N LYS A 555 1.19 -4.56 -17.85
CA LYS A 555 2.00 -5.61 -18.45
C LYS A 555 3.11 -5.03 -19.31
N LEU A 556 2.83 -3.98 -20.07
CA LEU A 556 3.86 -3.38 -20.91
C LEU A 556 4.91 -2.65 -20.09
N THR A 557 4.51 -2.01 -18.99
CA THR A 557 5.49 -1.37 -18.12
C THR A 557 6.45 -2.40 -17.52
N LEU A 558 5.89 -3.52 -17.03
CA LEU A 558 6.74 -4.57 -16.49
C LEU A 558 7.61 -5.18 -17.58
N ARG A 559 7.07 -5.31 -18.80
CA ARG A 559 7.83 -5.85 -19.91
C ARG A 559 9.02 -4.96 -20.24
N CYS A 560 8.81 -3.65 -20.28
CA CYS A 560 9.92 -2.72 -20.52
C CYS A 560 10.98 -2.84 -19.42
N LEU A 561 10.53 -2.89 -18.16
CA LEU A 561 11.49 -3.00 -17.06
C LEU A 561 12.32 -4.28 -17.17
N VAL A 562 11.68 -5.40 -17.48
CA VAL A 562 12.41 -6.66 -17.66
C VAL A 562 13.35 -6.56 -18.85
N ARG A 563 12.91 -5.89 -19.93
CA ARG A 563 13.73 -5.73 -21.11
C ARG A 563 15.01 -4.97 -20.79
N MET A 564 14.92 -3.95 -19.93
CA MET A 564 16.13 -3.25 -19.49
C MET A 564 17.04 -4.12 -18.63
N GLY A 565 16.55 -5.26 -18.13
CA GLY A 565 17.29 -6.07 -17.19
C GLY A 565 17.00 -5.76 -15.74
N TYR A 566 15.94 -5.01 -15.46
CA TYR A 566 15.62 -4.62 -14.09
C TYR A 566 14.88 -5.73 -13.36
N GLN A 567 15.16 -5.86 -12.06
CA GLN A 567 14.25 -6.55 -11.18
C GLN A 567 13.04 -5.65 -10.95
N CYS A 568 11.85 -6.24 -10.87
CA CYS A 568 10.67 -5.39 -10.76
C CYS A 568 9.50 -6.16 -10.15
N THR A 569 8.54 -5.41 -9.64
CA THR A 569 7.31 -5.94 -9.10
C THR A 569 6.28 -4.82 -9.05
N PHE A 570 5.03 -5.19 -8.75
CA PHE A 570 3.95 -4.22 -8.65
C PHE A 570 3.05 -4.59 -7.48
N GLY A 571 2.25 -3.62 -7.04
CA GLY A 571 1.30 -3.84 -5.97
C GLY A 571 0.38 -2.66 -5.82
N VAL A 572 -0.59 -2.81 -4.93
CA VAL A 572 -1.54 -1.74 -4.61
C VAL A 572 -1.47 -1.49 -3.11
N LEU A 573 -1.35 -0.22 -2.73
CA LEU A 573 -1.26 0.16 -1.33
C LEU A 573 -2.40 1.10 -0.97
N GLN A 574 -2.82 1.02 0.29
CA GLN A 574 -3.83 1.92 0.84
C GLN A 574 -3.13 2.92 1.74
N ALA A 575 -3.23 4.21 1.39
CA ALA A 575 -2.51 5.24 2.13
C ALA A 575 -2.96 5.32 3.58
N GLY A 576 -4.22 5.02 3.86
CA GLY A 576 -4.71 5.09 5.22
C GLY A 576 -4.04 4.10 6.15
N GLN A 577 -3.51 3.01 5.60
CA GLN A 577 -2.80 2.01 6.41
C GLN A 577 -1.41 2.48 6.82
N TYR A 578 -1.00 3.70 6.45
CA TYR A 578 0.35 4.16 6.77
C TYR A 578 0.33 5.52 7.48
N GLY A 579 -0.82 5.93 8.01
CA GLY A 579 -0.84 7.03 8.95
C GLY A 579 -1.64 8.26 8.57
N VAL A 580 -2.56 8.14 7.63
CA VAL A 580 -3.40 9.27 7.26
C VAL A 580 -4.87 8.86 7.40
N ALA A 581 -5.71 9.84 7.74
CA ALA A 581 -7.15 9.61 7.86
C ALA A 581 -7.83 9.81 6.50
N GLN A 582 -7.42 8.98 5.54
CA GLN A 582 -7.88 9.10 4.18
C GLN A 582 -7.78 7.76 3.48
N THR A 583 -8.82 7.40 2.73
CA THR A 583 -8.77 6.23 1.86
C THR A 583 -8.20 6.66 0.52
N ARG A 584 -7.04 6.10 0.16
CA ARG A 584 -6.36 6.47 -1.08
C ARG A 584 -5.55 5.25 -1.54
N ARG A 585 -6.13 4.47 -2.44
CA ARG A 585 -5.44 3.31 -3.01
CA ARG A 585 -5.44 3.32 -3.00
C ARG A 585 -4.62 3.75 -4.21
N ARG A 586 -3.34 3.37 -4.22
CA ARG A 586 -2.45 3.73 -5.30
CA ARG A 586 -2.43 3.75 -5.28
C ARG A 586 -1.69 2.52 -5.79
N ALA A 587 -1.41 2.51 -7.10
CA ALA A 587 -0.63 1.45 -7.73
C ALA A 587 0.83 1.83 -7.69
N ILE A 588 1.67 0.87 -7.30
CA ILE A 588 3.10 1.08 -7.09
C ILE A 588 3.86 0.05 -7.90
N ILE A 589 4.77 0.51 -8.75
CA ILE A 589 5.67 -0.33 -9.51
C ILE A 589 7.08 -0.05 -9.01
N LEU A 590 7.77 -1.09 -8.54
CA LEU A 590 9.11 -0.98 -8.00
C LEU A 590 10.09 -1.70 -8.92
N ALA A 591 11.27 -1.11 -9.10
CA ALA A 591 12.33 -1.72 -9.89
C ALA A 591 13.67 -1.50 -9.20
N ALA A 592 14.51 -2.51 -9.25
CA ALA A 592 15.85 -2.47 -8.67
C ALA A 592 16.87 -2.97 -9.70
N ALA A 593 18.00 -2.27 -9.77
CA ALA A 593 19.03 -2.61 -10.75
C ALA A 593 19.67 -3.96 -10.40
N PRO A 594 20.23 -4.65 -11.40
CA PRO A 594 20.99 -5.86 -11.09
C PRO A 594 22.14 -5.56 -10.15
N GLY A 595 22.36 -6.46 -9.20
CA GLY A 595 23.28 -6.22 -8.11
C GLY A 595 22.65 -5.58 -6.90
N GLU A 596 21.42 -5.07 -7.02
CA GLU A 596 20.67 -4.54 -5.89
C GLU A 596 19.70 -5.62 -5.39
N LYS A 597 18.98 -5.29 -4.33
CA LYS A 597 17.96 -6.14 -3.76
C LYS A 597 16.60 -5.51 -4.02
N LEU A 598 15.65 -6.32 -4.47
CA LEU A 598 14.33 -5.80 -4.80
C LEU A 598 13.55 -5.49 -3.52
N PRO A 599 13.08 -4.26 -3.34
CA PRO A 599 12.37 -3.92 -2.11
C PRO A 599 11.06 -4.68 -1.96
N LEU A 600 10.68 -4.90 -0.71
CA LEU A 600 9.36 -5.42 -0.37
C LEU A 600 8.37 -4.27 -0.23
N PHE A 601 7.11 -4.60 -0.39
CA PHE A 601 6.11 -3.58 -0.10
C PHE A 601 5.95 -3.43 1.41
N PRO A 602 5.74 -2.20 1.90
CA PRO A 602 5.70 -1.99 3.36
C PRO A 602 4.50 -2.68 3.99
N GLU A 603 4.74 -3.28 5.16
CA GLU A 603 3.64 -3.83 5.94
C GLU A 603 2.77 -2.70 6.48
N PRO A 604 1.46 -2.88 6.53
CA PRO A 604 0.58 -1.83 7.06
C PRO A 604 0.95 -1.49 8.50
N LEU A 605 0.91 -0.19 8.80
CA LEU A 605 1.21 0.31 10.13
C LEU A 605 -0.03 0.54 10.99
N HIS A 606 -1.11 0.99 10.38
CA HIS A 606 -2.34 1.32 11.09
C HIS A 606 -3.47 0.43 10.60
N VAL A 607 -4.34 0.02 11.52
CA VAL A 607 -5.56 -0.65 11.12
C VAL A 607 -6.43 0.33 10.35
N PHE A 608 -7.23 -0.20 9.43
CA PHE A 608 -8.04 0.64 8.56
C PHE A 608 -9.29 -0.14 8.15
N ALA A 609 -10.26 0.58 7.61
CA ALA A 609 -11.53 -0.02 7.24
C ALA A 609 -11.31 -1.08 6.16
N PRO A 610 -11.70 -2.33 6.41
CA PRO A 610 -11.39 -3.41 5.45
C PRO A 610 -11.96 -3.18 4.06
N ARG A 611 -13.13 -2.53 3.95
CA ARG A 611 -13.70 -2.26 2.64
C ARG A 611 -12.75 -1.44 1.77
N ALA A 612 -11.93 -0.60 2.39
CA ALA A 612 -10.99 0.24 1.66
C ALA A 612 -9.61 -0.40 1.52
N CYS A 613 -9.46 -1.67 1.90
CA CYS A 613 -8.15 -2.32 1.91
C CYS A 613 -8.13 -3.54 0.99
N GLN A 614 -8.92 -3.53 -0.07
CA GLN A 614 -8.86 -4.60 -1.07
C GLN A 614 -7.73 -4.28 -2.03
N LEU A 615 -6.61 -5.00 -1.88
CA LEU A 615 -5.39 -4.68 -2.60
C LEU A 615 -5.02 -5.67 -3.69
N SER A 616 -5.73 -6.80 -3.80
CA SER A 616 -5.39 -7.80 -4.79
C SER A 616 -5.66 -7.29 -6.20
N VAL A 617 -4.91 -7.82 -7.17
CA VAL A 617 -5.01 -7.40 -8.56
C VAL A 617 -5.17 -8.62 -9.45
N VAL A 618 -6.18 -8.61 -10.32
CA VAL A 618 -6.43 -9.72 -11.23
C VAL A 618 -5.90 -9.34 -12.60
N VAL A 619 -4.94 -10.11 -13.10
CA VAL A 619 -4.38 -9.94 -14.44
C VAL A 619 -4.53 -11.27 -15.17
N ASP A 620 -5.27 -11.24 -16.29
CA ASP A 620 -5.48 -12.43 -17.12
C ASP A 620 -6.00 -13.60 -16.28
N ASP A 621 -6.99 -13.30 -15.44
CA ASP A 621 -7.67 -14.25 -14.56
C ASP A 621 -6.74 -14.86 -13.51
N LYS A 622 -5.52 -14.34 -13.38
CA LYS A 622 -4.59 -14.76 -12.34
C LYS A 622 -4.56 -13.69 -11.26
N LYS A 623 -4.74 -14.09 -10.01
CA LYS A 623 -4.84 -13.16 -8.89
C LYS A 623 -3.46 -12.99 -8.25
N PHE A 624 -2.98 -11.76 -8.21
CA PHE A 624 -1.70 -11.40 -7.62
C PHE A 624 -1.92 -10.56 -6.38
N VAL A 625 -1.10 -10.82 -5.36
CA VAL A 625 -1.06 -10.04 -4.14
C VAL A 625 0.39 -9.61 -3.90
N SER A 626 0.57 -8.73 -2.92
CA SER A 626 1.89 -8.31 -2.53
C SER A 626 2.39 -9.16 -1.38
N ASN A 627 3.62 -8.88 -0.93
CA ASN A 627 4.23 -9.59 0.19
C ASN A 627 3.58 -9.26 1.53
N ILE A 628 2.61 -8.34 1.55
CA ILE A 628 2.01 -7.90 2.80
C ILE A 628 1.31 -9.06 3.48
N THR A 629 1.60 -9.25 4.78
CA THR A 629 0.98 -10.29 5.58
C THR A 629 0.00 -9.76 6.62
N ARG A 630 0.02 -8.46 6.90
CA ARG A 630 -0.87 -7.88 7.91
C ARG A 630 -2.22 -7.59 7.25
N LEU A 631 -3.11 -8.58 7.31
CA LEU A 631 -4.43 -8.47 6.71
C LEU A 631 -5.53 -8.24 7.73
N SER A 632 -5.38 -8.75 8.95
CA SER A 632 -6.42 -8.69 9.97
C SER A 632 -6.26 -7.52 10.94
N SER A 633 -5.03 -7.20 11.32
CA SER A 633 -4.80 -6.22 12.36
C SER A 633 -3.50 -5.47 12.04
N GLY A 634 -3.02 -4.71 13.03
CA GLY A 634 -1.82 -3.92 12.87
C GLY A 634 -1.35 -3.37 14.19
N PRO A 635 -0.14 -2.78 14.20
CA PRO A 635 0.41 -2.30 15.48
C PRO A 635 -0.23 -1.01 15.99
N PHE A 636 -0.80 -0.17 15.13
CA PHE A 636 -1.26 1.14 15.55
C PHE A 636 -2.73 1.35 15.19
N ARG A 637 -3.41 2.12 16.04
CA ARG A 637 -4.81 2.45 15.83
C ARG A 637 -4.96 3.38 14.62
N THR A 638 -6.17 3.39 14.06
CA THR A 638 -6.41 4.15 12.84
C THR A 638 -6.42 5.65 13.13
N ILE A 639 -5.89 6.42 12.19
CA ILE A 639 -5.90 7.87 12.29
C ILE A 639 -7.25 8.39 11.81
N THR A 640 -7.86 9.26 12.60
CA THR A 640 -9.20 9.77 12.34
C THR A 640 -9.15 11.24 11.93
N VAL A 641 -10.33 11.74 11.52
CA VAL A 641 -10.47 13.17 11.23
C VAL A 641 -10.18 13.99 12.47
N ARG A 642 -10.53 13.48 13.64
CA ARG A 642 -10.20 14.19 14.88
C ARG A 642 -8.69 14.34 15.03
N ASP A 643 -7.95 13.24 14.92
CA ASP A 643 -6.49 13.32 14.92
C ASP A 643 -5.99 14.27 13.84
N THR A 644 -6.67 14.31 12.70
CA THR A 644 -6.19 15.08 11.56
C THR A 644 -6.32 16.58 11.81
N MET A 645 -7.48 17.04 12.30
CA MET A 645 -7.70 18.48 12.31
C MET A 645 -8.46 19.01 13.53
N SER A 646 -8.44 18.30 14.67
CA SER A 646 -9.20 18.79 15.82
C SER A 646 -8.60 20.04 16.43
N ASP A 647 -7.34 20.37 16.11
CA ASP A 647 -6.66 21.51 16.69
C ASP A 647 -6.79 22.79 15.86
N LEU A 648 -7.51 22.74 14.74
CA LEU A 648 -7.51 23.94 13.91
C LEU A 648 -8.65 24.87 14.31
N PRO A 649 -8.36 26.17 14.41
CA PRO A 649 -9.40 27.12 14.82
C PRO A 649 -10.53 27.23 13.82
N GLU A 650 -11.71 27.58 14.33
CA GLU A 650 -12.89 27.72 13.49
C GLU A 650 -12.72 28.88 12.52
N VAL A 651 -13.10 28.65 11.26
CA VAL A 651 -13.10 29.68 10.23
C VAL A 651 -14.42 29.60 9.49
N ARG A 652 -14.77 30.70 8.82
CA ARG A 652 -16.02 30.80 8.09
C ARG A 652 -15.84 30.43 6.63
N ASN A 653 -16.96 30.22 5.94
CA ASN A 653 -16.93 29.95 4.51
C ASN A 653 -16.28 31.10 3.77
N GLY A 654 -15.33 30.77 2.90
CA GLY A 654 -14.57 31.79 2.21
C GLY A 654 -13.45 32.40 3.02
N ALA A 655 -13.00 31.73 4.08
CA ALA A 655 -11.91 32.25 4.88
C ALA A 655 -10.68 32.45 4.01
N SER A 656 -10.07 33.63 4.13
CA SER A 656 -8.98 34.03 3.25
C SER A 656 -7.70 34.44 3.97
N ALA A 657 -7.74 34.58 5.30
CA ALA A 657 -6.56 34.96 6.05
C ALA A 657 -5.46 33.91 5.90
N LEU A 658 -4.34 34.29 5.28
CA LEU A 658 -3.28 33.33 5.00
C LEU A 658 -2.50 32.95 6.24
N GLU A 659 -2.44 33.84 7.24
CA GLU A 659 -1.67 33.61 8.45
C GLU A 659 -2.55 33.92 9.66
N ILE A 660 -2.88 32.89 10.44
CA ILE A 660 -3.69 33.03 11.62
C ILE A 660 -2.98 32.38 12.80
N SER A 661 -3.64 32.36 13.94
CA SER A 661 -3.11 31.77 15.16
C SER A 661 -3.71 30.38 15.37
N TYR A 662 -2.88 29.44 15.84
CA TYR A 662 -3.37 28.11 16.18
C TYR A 662 -4.36 28.17 17.35
N ASN A 663 -4.23 29.16 18.22
CA ASN A 663 -5.03 29.34 19.42
C ASN A 663 -4.87 28.21 20.43
N GLY A 664 -3.83 27.39 20.30
CA GLY A 664 -3.61 26.33 21.26
C GLY A 664 -2.54 25.38 20.77
N GLU A 665 -2.04 24.58 21.72
CA GLU A 665 -1.04 23.57 21.41
C GLU A 665 -1.66 22.43 20.62
N PRO A 666 -0.85 21.63 19.93
CA PRO A 666 -1.38 20.43 19.27
C PRO A 666 -2.00 19.48 20.28
N GLN A 667 -3.09 18.84 19.88
CA GLN A 667 -3.87 18.00 20.78
C GLN A 667 -3.59 16.51 20.60
N SER A 668 -3.42 16.04 19.36
CA SER A 668 -3.20 14.63 19.09
C SER A 668 -1.73 14.37 18.74
N TRP A 669 -1.35 13.09 18.77
CA TRP A 669 -0.02 12.70 18.32
C TRP A 669 0.19 13.08 16.86
N PHE A 670 -0.82 12.88 16.03
CA PHE A 670 -0.74 13.27 14.62
C PHE A 670 -0.48 14.76 14.46
N GLN A 671 -1.21 15.58 15.23
CA GLN A 671 -1.02 17.02 15.17
C GLN A 671 0.36 17.43 15.69
N ARG A 672 0.85 16.78 16.75
CA ARG A 672 2.19 17.07 17.23
C ARG A 672 3.23 16.77 16.16
N GLN A 673 3.10 15.61 15.51
CA GLN A 673 4.06 15.23 14.47
C GLN A 673 4.03 16.21 13.31
N LEU A 674 2.83 16.62 12.88
CA LEU A 674 2.75 17.49 11.71
C LEU A 674 3.09 18.94 12.04
N ARG A 675 2.90 19.38 13.29
CA ARG A 675 3.36 20.70 13.69
C ARG A 675 4.87 20.74 13.93
N GLY A 676 5.48 19.60 14.25
CA GLY A 676 6.92 19.56 14.40
C GLY A 676 7.40 20.00 15.76
N ALA A 677 8.72 19.98 15.92
CA ALA A 677 9.34 20.28 17.21
C ALA A 677 9.45 21.78 17.46
N GLN A 678 9.97 22.53 16.48
CA GLN A 678 10.12 23.97 16.64
C GLN A 678 8.75 24.64 16.71
N TYR A 679 8.57 25.49 17.72
CA TYR A 679 7.30 26.18 17.91
C TYR A 679 6.94 27.02 16.70
N GLN A 680 5.70 26.90 16.24
CA GLN A 680 5.21 27.61 15.07
C GLN A 680 4.18 28.64 15.48
N PRO A 681 4.54 29.93 15.59
CA PRO A 681 3.56 30.93 16.00
C PRO A 681 2.45 31.17 14.99
N ILE A 682 2.60 30.74 13.74
CA ILE A 682 1.68 31.08 12.67
C ILE A 682 1.15 29.80 12.02
N LEU A 683 -0.17 29.72 11.90
CA LEU A 683 -0.83 28.71 11.08
C LEU A 683 -1.08 29.29 9.69
N ARG A 684 -0.69 28.54 8.66
CA ARG A 684 -0.76 29.02 7.29
CA ARG A 684 -0.74 29.02 7.29
C ARG A 684 -1.74 28.20 6.47
N ASP A 685 -2.35 28.86 5.49
CA ASP A 685 -3.21 28.24 4.48
C ASP A 685 -4.41 27.51 5.10
N HIS A 686 -4.91 28.00 6.23
CA HIS A 686 -6.19 27.54 6.77
C HIS A 686 -7.32 28.35 6.13
N ILE A 687 -7.41 28.22 4.81
CA ILE A 687 -8.33 29.00 3.99
C ILE A 687 -9.26 28.05 3.25
N CYS A 688 -10.50 28.51 3.05
N CYS A 688 -10.50 28.50 3.04
CA CYS A 688 -11.55 27.73 2.39
CA CYS A 688 -11.48 27.68 2.35
C CYS A 688 -12.13 28.52 1.22
C CYS A 688 -12.17 28.49 1.27
N LYS A 689 -12.68 27.79 0.26
CA LYS A 689 -13.29 28.44 -0.89
C LYS A 689 -14.55 29.19 -0.49
N ASP A 690 -14.81 30.29 -1.21
CA ASP A 690 -15.99 31.12 -0.97
C ASP A 690 -17.14 30.59 -1.82
N MET A 691 -17.90 29.68 -1.25
CA MET A 691 -19.06 29.12 -1.96
C MET A 691 -20.18 30.15 -2.04
N SER A 692 -21.03 29.98 -3.05
CA SER A 692 -22.12 30.92 -3.28
C SER A 692 -23.10 30.91 -2.10
N ALA A 693 -24.04 31.85 -2.14
CA ALA A 693 -25.01 31.96 -1.04
C ALA A 693 -25.90 30.73 -0.96
N LEU A 694 -26.34 30.21 -2.10
CA LEU A 694 -27.19 29.02 -2.11
C LEU A 694 -26.45 27.81 -1.55
N VAL A 695 -25.20 27.61 -1.99
CA VAL A 695 -24.41 26.49 -1.49
C VAL A 695 -24.11 26.66 -0.01
N ALA A 696 -23.89 27.90 0.43
CA ALA A 696 -23.65 28.15 1.84
C ALA A 696 -24.87 27.80 2.68
N ALA A 697 -26.06 28.20 2.22
CA ALA A 697 -27.28 27.83 2.93
C ALA A 697 -27.45 26.31 2.97
N ARG A 698 -27.19 25.64 1.84
CA ARG A 698 -27.28 24.19 1.80
C ARG A 698 -26.36 23.56 2.83
N MET A 699 -25.11 24.02 2.90
CA MET A 699 -24.16 23.50 3.88
C MET A 699 -24.64 23.78 5.30
N ARG A 700 -25.16 24.98 5.55
CA ARG A 700 -25.67 25.32 6.87
C ARG A 700 -26.85 24.45 7.26
N HIS A 701 -27.56 23.87 6.30
CA HIS A 701 -28.71 23.03 6.60
C HIS A 701 -28.39 21.53 6.54
N ILE A 702 -27.12 21.15 6.44
CA ILE A 702 -26.71 19.75 6.51
C ILE A 702 -26.51 19.39 7.98
N PRO A 703 -27.18 18.36 8.49
CA PRO A 703 -27.06 18.02 9.92
C PRO A 703 -25.66 17.57 10.28
N LEU A 704 -25.34 17.70 11.57
CA LEU A 704 -24.01 17.39 12.08
C LEU A 704 -23.83 15.91 12.42
N ALA A 705 -24.89 15.11 12.41
CA ALA A 705 -24.76 13.71 12.74
C ALA A 705 -23.97 12.98 11.66
N PRO A 706 -23.23 11.94 12.04
CA PRO A 706 -22.43 11.21 11.04
C PRO A 706 -23.32 10.61 9.95
N GLY A 707 -22.80 10.63 8.72
CA GLY A 707 -23.54 10.13 7.58
C GLY A 707 -24.52 11.09 6.96
N SER A 708 -24.51 12.36 7.37
CA SER A 708 -25.45 13.34 6.85
C SER A 708 -24.97 13.89 5.52
N ASP A 709 -25.90 14.01 4.57
CA ASP A 709 -25.59 14.59 3.26
C ASP A 709 -26.86 15.27 2.74
N TRP A 710 -26.90 15.53 1.43
CA TRP A 710 -27.98 16.31 0.84
C TRP A 710 -29.35 15.70 1.12
N ARG A 711 -29.42 14.37 1.27
CA ARG A 711 -30.69 13.70 1.51
C ARG A 711 -31.32 14.08 2.85
N ASP A 712 -30.56 14.72 3.74
CA ASP A 712 -31.11 15.21 5.01
C ASP A 712 -31.53 16.68 4.94
N LEU A 713 -31.46 17.30 3.76
CA LEU A 713 -31.82 18.71 3.65
C LEU A 713 -33.32 18.90 3.88
N PRO A 714 -33.72 19.97 4.57
CA PRO A 714 -35.14 20.27 4.71
C PRO A 714 -35.68 21.00 3.49
N ASN A 715 -36.93 20.70 3.14
CA ASN A 715 -37.58 21.33 1.99
C ASN A 715 -38.32 22.58 2.48
N ILE A 716 -37.56 23.67 2.61
CA ILE A 716 -38.08 24.92 3.15
C ILE A 716 -37.60 26.08 2.29
N GLU A 717 -38.28 27.22 2.45
CA GLU A 717 -37.85 28.48 1.88
C GLU A 717 -36.92 29.18 2.86
N VAL A 718 -35.75 29.62 2.37
CA VAL A 718 -34.80 30.32 3.23
C VAL A 718 -34.23 31.52 2.46
N ARG A 719 -34.14 32.66 3.14
CA ARG A 719 -33.56 33.84 2.52
C ARG A 719 -32.04 33.75 2.59
N LEU A 720 -31.39 33.99 1.46
CA LEU A 720 -29.95 33.81 1.36
C LEU A 720 -29.21 35.07 1.84
N SER A 721 -27.88 34.96 1.89
CA SER A 721 -27.08 36.08 2.38
C SER A 721 -27.14 37.28 1.45
N ASP A 722 -27.37 37.05 0.15
CA ASP A 722 -27.42 38.12 -0.82
C ASP A 722 -28.82 38.71 -0.99
N GLY A 723 -29.76 38.36 -0.11
CA GLY A 723 -31.11 38.85 -0.17
C GLY A 723 -32.05 38.03 -1.01
N THR A 724 -31.53 37.16 -1.88
CA THR A 724 -32.37 36.30 -2.70
C THR A 724 -32.94 35.16 -1.86
N MET A 725 -33.89 34.44 -2.45
CA MET A 725 -34.63 33.40 -1.76
C MET A 725 -34.33 32.03 -2.35
N ALA A 726 -34.27 31.02 -1.50
CA ALA A 726 -34.18 29.63 -1.89
C ALA A 726 -35.53 28.97 -1.65
N ARG A 727 -36.06 28.33 -2.69
CA ARG A 727 -37.45 27.92 -2.77
C ARG A 727 -37.61 26.44 -2.46
N LYS A 728 -38.85 26.05 -2.16
N LYS A 728 -38.85 26.06 -2.16
CA LYS A 728 -39.19 24.66 -1.93
CA LYS A 728 -39.18 24.66 -1.93
C LYS A 728 -39.05 23.84 -3.21
C LYS A 728 -39.03 23.86 -3.21
N LEU A 729 -38.70 22.57 -3.05
CA LEU A 729 -38.64 21.64 -4.16
C LEU A 729 -40.01 20.98 -4.31
N ARG A 730 -40.68 21.24 -5.43
CA ARG A 730 -42.02 20.72 -5.68
C ARG A 730 -41.93 19.40 -6.42
N TYR A 731 -42.63 18.39 -5.92
CA TYR A 731 -42.62 17.06 -6.52
C TYR A 731 -43.78 16.96 -7.49
N THR A 732 -43.46 16.92 -8.78
CA THR A 732 -44.43 17.12 -9.85
C THR A 732 -44.84 15.85 -10.57
N HIS A 733 -44.11 14.75 -10.39
CA HIS A 733 -44.39 13.51 -11.10
C HIS A 733 -44.36 12.34 -10.14
N HIS A 734 -44.93 11.22 -10.59
CA HIS A 734 -45.06 10.03 -9.76
C HIS A 734 -43.97 9.02 -10.13
N ASP A 735 -43.22 8.59 -9.12
CA ASP A 735 -42.17 7.58 -9.29
C ASP A 735 -42.75 6.24 -8.87
N ARG A 736 -43.06 5.39 -9.86
CA ARG A 736 -43.56 4.06 -9.55
C ARG A 736 -42.53 3.21 -8.83
N LYS A 737 -41.24 3.47 -9.08
CA LYS A 737 -40.19 2.72 -8.41
C LYS A 737 -40.04 3.17 -6.96
N ASN A 738 -40.12 4.47 -6.70
CA ASN A 738 -39.92 4.99 -5.36
C ASN A 738 -41.23 5.23 -4.60
N GLY A 739 -42.37 5.28 -5.29
CA GLY A 739 -43.64 5.41 -4.61
C GLY A 739 -43.94 6.83 -4.15
N ARG A 740 -44.62 6.92 -3.01
CA ARG A 740 -45.07 8.19 -2.46
C ARG A 740 -44.74 8.24 -0.97
N SER A 741 -44.70 9.46 -0.44
CA SER A 741 -44.31 9.69 0.95
C SER A 741 -45.46 9.31 1.89
N SER A 742 -45.21 9.52 3.20
CA SER A 742 -46.22 9.20 4.21
C SER A 742 -47.47 10.05 4.08
N SER A 743 -47.34 11.24 3.50
CA SER A 743 -48.47 12.14 3.28
C SER A 743 -49.12 11.93 1.92
N GLY A 744 -48.69 10.93 1.17
CA GLY A 744 -49.19 10.72 -0.17
C GLY A 744 -48.57 11.59 -1.23
N ALA A 745 -47.58 12.40 -0.87
CA ALA A 745 -46.94 13.28 -1.84
C ALA A 745 -46.10 12.47 -2.83
N LEU A 746 -46.02 12.96 -4.06
CA LEU A 746 -45.25 12.31 -5.09
C LEU A 746 -43.75 12.46 -4.82
N ARG A 747 -42.96 11.68 -5.54
CA ARG A 747 -41.51 11.68 -5.34
C ARG A 747 -40.72 11.95 -6.62
N GLY A 748 -41.37 12.09 -7.76
CA GLY A 748 -40.68 12.45 -8.98
C GLY A 748 -40.64 13.96 -9.18
N VAL A 749 -39.56 14.42 -9.82
CA VAL A 749 -39.37 15.84 -10.09
C VAL A 749 -39.26 16.13 -11.58
N CYS A 750 -39.48 15.13 -12.44
CA CYS A 750 -39.41 15.35 -13.87
C CYS A 750 -40.11 14.21 -14.60
N SER A 751 -40.52 14.49 -15.84
CA SER A 751 -41.22 13.50 -16.65
C SER A 751 -40.36 12.27 -16.90
N CYS A 752 -39.04 12.43 -16.90
CA CYS A 752 -38.14 11.29 -17.06
C CYS A 752 -38.33 10.23 -15.99
N VAL A 753 -39.08 10.54 -14.92
CA VAL A 753 -39.37 9.54 -13.90
C VAL A 753 -40.24 8.41 -14.45
N GLU A 754 -40.87 8.62 -15.60
CA GLU A 754 -41.62 7.57 -16.28
C GLU A 754 -40.68 6.71 -17.10
N ALA A 755 -41.23 5.62 -17.65
CA ALA A 755 -40.41 4.61 -18.31
C ALA A 755 -39.71 5.20 -19.54
N GLY A 756 -40.47 5.62 -20.54
CA GLY A 756 -39.89 6.10 -21.78
C GLY A 756 -39.95 7.60 -21.97
N LYS A 757 -40.63 8.30 -21.07
CA LYS A 757 -40.81 9.73 -21.22
C LYS A 757 -39.47 10.47 -21.08
N ALA A 758 -39.30 11.50 -21.91
CA ALA A 758 -38.10 12.32 -21.88
C ALA A 758 -38.29 13.50 -20.93
N CYS A 759 -37.17 14.11 -20.56
CA CYS A 759 -37.18 15.22 -19.60
C CYS A 759 -37.90 16.42 -20.22
N ASP A 760 -39.04 16.79 -19.67
CA ASP A 760 -39.73 18.01 -20.06
C ASP A 760 -39.02 19.21 -19.44
N PRO A 761 -38.53 20.17 -20.24
CA PRO A 761 -37.79 21.30 -19.65
C PRO A 761 -38.59 22.08 -18.64
N ALA A 762 -39.91 22.20 -18.82
CA ALA A 762 -40.73 22.94 -17.87
C ALA A 762 -40.73 22.30 -16.49
N ALA A 763 -40.28 21.05 -16.38
CA ALA A 763 -40.19 20.38 -15.09
C ALA A 763 -38.92 20.73 -14.33
N ARG A 764 -38.02 21.52 -14.91
CA ARG A 764 -36.78 21.89 -14.22
C ARG A 764 -37.03 23.07 -13.28
N GLN A 765 -36.60 22.92 -12.03
CA GLN A 765 -36.79 23.93 -11.01
C GLN A 765 -35.43 24.49 -10.60
N PHE A 766 -35.38 25.80 -10.37
CA PHE A 766 -34.13 26.50 -10.10
C PHE A 766 -34.10 27.04 -8.67
N ASN A 767 -32.87 27.21 -8.17
CA ASN A 767 -32.63 27.86 -6.87
C ASN A 767 -33.36 27.16 -5.73
N THR A 768 -33.47 25.84 -5.82
CA THR A 768 -34.06 25.04 -4.76
C THR A 768 -32.99 24.68 -3.74
N LEU A 769 -33.36 24.72 -2.45
CA LEU A 769 -32.40 24.34 -1.41
C LEU A 769 -31.95 22.90 -1.58
N ILE A 770 -32.89 22.00 -1.84
CA ILE A 770 -32.55 20.64 -2.29
C ILE A 770 -32.23 20.76 -3.77
N PRO A 771 -31.00 20.50 -4.21
CA PRO A 771 -30.67 20.64 -5.63
C PRO A 771 -31.56 19.73 -6.47
N TRP A 772 -32.03 20.25 -7.61
CA TRP A 772 -33.01 19.53 -8.41
C TRP A 772 -32.39 18.31 -9.08
N CYS A 773 -31.16 18.43 -9.56
CA CYS A 773 -30.54 17.34 -10.33
C CYS A 773 -30.36 16.08 -9.50
N LEU A 774 -30.17 16.22 -8.19
CA LEU A 774 -29.90 15.04 -7.36
C LEU A 774 -31.11 14.11 -7.31
N PRO A 775 -32.33 14.55 -6.97
CA PRO A 775 -33.49 13.67 -7.16
C PRO A 775 -33.82 13.44 -8.62
N HIS A 776 -33.38 14.32 -9.52
CA HIS A 776 -33.67 14.13 -10.93
C HIS A 776 -33.04 12.85 -11.46
N THR A 777 -31.79 12.58 -11.09
CA THR A 777 -31.08 11.40 -11.59
C THR A 777 -30.54 10.52 -10.46
N GLY A 778 -31.15 10.58 -9.28
CA GLY A 778 -30.64 9.84 -8.15
C GLY A 778 -30.84 8.34 -8.22
N ASN A 779 -31.90 7.90 -8.91
CA ASN A 779 -32.21 6.48 -8.96
C ASN A 779 -31.14 5.68 -9.68
N ARG A 780 -30.37 6.30 -10.58
CA ARG A 780 -29.32 5.62 -11.30
C ARG A 780 -27.93 6.09 -10.89
N HIS A 781 -27.80 6.71 -9.71
CA HIS A 781 -26.51 7.17 -9.22
C HIS A 781 -26.36 6.92 -7.72
N ASN A 782 -26.96 5.83 -7.22
CA ASN A 782 -26.94 5.51 -5.79
C ASN A 782 -27.37 6.71 -4.96
N HIS A 783 -28.45 7.35 -5.41
CA HIS A 783 -29.05 8.50 -4.74
C HIS A 783 -28.03 9.59 -4.43
N TRP A 784 -26.94 9.62 -5.19
CA TRP A 784 -25.87 10.59 -5.01
C TRP A 784 -25.43 10.65 -3.55
N ALA A 785 -25.26 9.47 -2.96
CA ALA A 785 -24.81 9.40 -1.57
C ALA A 785 -23.47 10.10 -1.41
N GLY A 786 -23.35 10.93 -0.37
CA GLY A 786 -22.12 11.61 -0.03
C GLY A 786 -22.03 13.05 -0.50
N LEU A 787 -22.85 13.45 -1.47
CA LEU A 787 -22.82 14.84 -1.93
C LEU A 787 -23.39 15.74 -0.84
N TYR A 788 -22.71 16.87 -0.63
CA TYR A 788 -22.97 17.75 0.52
C TYR A 788 -22.87 16.98 1.83
N GLY A 789 -21.96 16.01 1.89
CA GLY A 789 -21.81 15.17 3.06
C GLY A 789 -20.73 15.71 3.99
N ARG A 790 -20.99 15.62 5.29
CA ARG A 790 -20.05 16.06 6.29
C ARG A 790 -19.10 14.93 6.67
N LEU A 791 -17.87 15.30 6.99
CA LEU A 791 -16.93 14.33 7.55
C LEU A 791 -17.34 13.97 8.97
N GLU A 792 -16.86 12.81 9.41
CA GLU A 792 -17.12 12.29 10.75
C GLU A 792 -15.83 12.35 11.56
N TRP A 793 -15.92 12.84 12.80
CA TRP A 793 -14.72 13.00 13.62
C TRP A 793 -14.02 11.66 13.83
N ASP A 794 -14.78 10.61 14.10
CA ASP A 794 -14.21 9.28 14.27
C ASP A 794 -13.85 8.62 12.94
N GLY A 795 -14.24 9.21 11.81
CA GLY A 795 -14.05 8.62 10.52
C GLY A 795 -12.81 9.12 9.81
N PHE A 796 -12.81 8.96 8.47
CA PHE A 796 -11.68 9.33 7.65
C PHE A 796 -12.15 10.09 6.41
N PHE A 797 -11.22 10.79 5.78
CA PHE A 797 -11.48 11.47 4.52
C PHE A 797 -11.70 10.46 3.40
N SER A 798 -12.60 10.78 2.48
CA SER A 798 -12.54 10.17 1.18
C SER A 798 -11.34 10.75 0.42
N THR A 799 -11.02 10.14 -0.72
CA THR A 799 -9.81 10.50 -1.46
C THR A 799 -9.73 12.00 -1.67
N THR A 800 -8.67 12.60 -1.12
CA THR A 800 -8.48 14.05 -1.21
C THR A 800 -8.29 14.47 -2.65
N VAL A 801 -9.23 15.24 -3.17
CA VAL A 801 -9.25 15.60 -4.57
C VAL A 801 -8.65 16.99 -4.76
N THR A 802 -8.38 17.35 -6.02
CA THR A 802 -7.70 18.61 -6.32
C THR A 802 -8.58 19.82 -6.09
N ASN A 803 -9.91 19.66 -6.06
CA ASN A 803 -10.82 20.79 -5.91
C ASN A 803 -12.09 20.31 -5.20
N PRO A 804 -12.21 20.55 -3.90
CA PRO A 804 -13.40 20.08 -3.16
C PRO A 804 -14.66 20.78 -3.65
N GLU A 805 -15.62 19.98 -4.12
CA GLU A 805 -16.90 20.47 -4.60
C GLU A 805 -18.00 19.64 -3.97
N PRO A 806 -18.92 20.23 -3.22
CA PRO A 806 -19.95 19.44 -2.53
C PRO A 806 -20.89 18.68 -3.47
N MET A 807 -21.08 19.13 -4.70
CA MET A 807 -21.97 18.48 -5.64
C MET A 807 -21.22 17.76 -6.76
N GLY A 808 -19.91 17.55 -6.60
CA GLY A 808 -19.13 16.81 -7.57
C GLY A 808 -19.21 15.32 -7.33
N LYS A 809 -18.32 14.59 -8.00
CA LYS A 809 -18.27 13.13 -7.84
C LYS A 809 -17.92 12.76 -6.41
N GLN A 810 -16.91 13.40 -5.84
CA GLN A 810 -16.49 13.17 -4.46
C GLN A 810 -16.96 14.38 -3.65
N GLY A 811 -18.22 14.34 -3.23
CA GLY A 811 -18.87 15.48 -2.60
C GLY A 811 -18.89 15.50 -1.09
N ARG A 812 -18.17 14.61 -0.43
CA ARG A 812 -18.15 14.58 1.04
C ARG A 812 -16.96 15.38 1.56
N VAL A 813 -17.08 16.70 1.41
CA VAL A 813 -16.00 17.63 1.72
C VAL A 813 -16.42 18.66 2.77
N LEU A 814 -17.59 18.50 3.37
CA LEU A 814 -18.04 19.43 4.39
C LEU A 814 -17.36 19.16 5.73
N HIS A 815 -17.11 20.23 6.47
CA HIS A 815 -16.53 20.12 7.80
C HIS A 815 -17.51 19.41 8.73
N PRO A 816 -17.01 18.66 9.72
CA PRO A 816 -17.92 17.94 10.63
C PRO A 816 -18.89 18.86 11.36
N GLU A 817 -18.49 20.08 11.68
CA GLU A 817 -19.39 20.97 12.40
C GLU A 817 -19.53 22.34 11.77
N GLN A 818 -18.48 22.88 11.17
CA GLN A 818 -18.55 24.19 10.56
C GLN A 818 -19.21 24.11 9.19
N HIS A 819 -19.90 25.19 8.82
CA HIS A 819 -20.70 25.22 7.59
C HIS A 819 -19.84 25.71 6.43
N ARG A 820 -18.92 24.85 6.02
CA ARG A 820 -17.95 25.18 4.99
C ARG A 820 -17.34 23.90 4.45
N VAL A 821 -16.66 24.02 3.31
CA VAL A 821 -15.86 22.91 2.81
C VAL A 821 -14.51 22.90 3.53
N VAL A 822 -13.82 21.74 3.47
CA VAL A 822 -12.55 21.60 4.14
C VAL A 822 -11.54 22.63 3.61
N SER A 823 -10.67 23.09 4.51
CA SER A 823 -9.68 24.08 4.15
C SER A 823 -8.49 23.44 3.44
N VAL A 824 -7.63 24.30 2.88
CA VAL A 824 -6.39 23.83 2.28
C VAL A 824 -5.53 23.14 3.34
N ARG A 825 -5.43 23.73 4.52
CA ARG A 825 -4.68 23.13 5.61
C ARG A 825 -5.27 21.78 6.00
N GLU A 826 -6.60 21.69 6.06
CA GLU A 826 -7.24 20.43 6.42
C GLU A 826 -6.99 19.35 5.37
N CYS A 827 -7.02 19.73 4.08
CA CYS A 827 -6.68 18.77 3.04
C CYS A 827 -5.23 18.32 3.15
N ALA A 828 -4.31 19.25 3.43
CA ALA A 828 -2.91 18.88 3.61
C ALA A 828 -2.74 17.94 4.79
N ARG A 829 -3.45 18.19 5.89
CA ARG A 829 -3.43 17.28 7.02
C ARG A 829 -3.95 15.90 6.64
N SER A 830 -5.03 15.86 5.84
CA SER A 830 -5.55 14.58 5.38
C SER A 830 -4.51 13.85 4.51
N GLN A 831 -3.67 14.61 3.79
CA GLN A 831 -2.60 14.03 3.00
C GLN A 831 -1.34 13.75 3.82
N GLY A 832 -1.30 14.15 5.09
CA GLY A 832 -0.13 13.93 5.91
C GLY A 832 1.00 14.91 5.71
N PHE A 833 0.72 16.09 5.16
CA PHE A 833 1.75 17.10 4.97
C PHE A 833 2.11 17.77 6.30
N PRO A 834 3.39 18.01 6.55
CA PRO A 834 3.76 18.86 7.69
C PRO A 834 3.22 20.26 7.52
N ASP A 835 2.89 20.90 8.64
CA ASP A 835 2.32 22.24 8.58
C ASP A 835 3.28 23.25 7.97
N THR A 836 4.59 22.98 8.06
CA THR A 836 5.59 23.88 7.50
C THR A 836 5.78 23.68 6.00
N TYR A 837 5.16 22.67 5.39
CA TYR A 837 5.36 22.45 3.97
C TYR A 837 4.68 23.54 3.17
N ARG A 838 5.44 24.18 2.29
CA ARG A 838 5.02 25.42 1.64
C ARG A 838 4.25 25.12 0.36
N LEU A 839 3.17 25.86 0.16
CA LEU A 839 2.36 25.80 -1.06
C LEU A 839 2.48 27.13 -1.80
N PHE A 840 1.96 27.16 -3.03
CA PHE A 840 2.13 28.31 -3.89
C PHE A 840 0.86 28.59 -4.68
N GLY A 841 0.64 29.87 -4.95
CA GLY A 841 -0.47 30.28 -5.80
C GLY A 841 -1.73 30.63 -5.03
N ASN A 842 -2.83 30.69 -5.77
CA ASN A 842 -4.12 30.96 -5.16
C ASN A 842 -4.66 29.71 -4.46
N ILE A 843 -5.87 29.83 -3.90
CA ILE A 843 -6.40 28.75 -3.09
C ILE A 843 -6.69 27.52 -3.93
N LEU A 844 -7.18 27.70 -5.16
CA LEU A 844 -7.41 26.55 -6.04
C LEU A 844 -6.10 25.89 -6.42
N ASP A 845 -5.06 26.68 -6.66
CA ASP A 845 -3.74 26.11 -6.94
C ASP A 845 -3.25 25.29 -5.77
N LYS A 846 -3.40 25.79 -4.54
CA LYS A 846 -2.95 25.05 -3.37
C LYS A 846 -3.76 23.77 -3.16
N HIS A 847 -5.07 23.85 -3.38
CA HIS A 847 -5.91 22.65 -3.30
C HIS A 847 -5.46 21.61 -4.31
N ARG A 848 -5.16 22.03 -5.54
CA ARG A 848 -4.68 21.10 -6.56
C ARG A 848 -3.33 20.51 -6.19
N GLN A 849 -2.44 21.34 -5.64
CA GLN A 849 -1.12 20.86 -5.22
C GLN A 849 -1.27 19.77 -4.15
N VAL A 850 -2.15 19.99 -3.18
CA VAL A 850 -2.37 18.98 -2.15
C VAL A 850 -3.01 17.73 -2.74
N GLY A 851 -4.00 17.91 -3.62
CA GLY A 851 -4.71 16.75 -4.15
C GLY A 851 -3.85 15.87 -5.04
N ASN A 852 -2.95 16.47 -5.81
CA ASN A 852 -2.12 15.71 -6.75
C ASN A 852 -0.96 14.99 -6.10
N ALA A 853 -0.70 15.23 -4.83
CA ALA A 853 0.52 14.74 -4.19
C ALA A 853 0.35 13.35 -3.63
N VAL A 854 1.44 12.58 -3.63
CA VAL A 854 1.48 11.34 -2.85
C VAL A 854 1.54 11.68 -1.37
N PRO A 855 0.78 11.02 -0.51
CA PRO A 855 0.91 11.25 0.94
C PRO A 855 2.30 10.90 1.41
N PRO A 856 2.97 11.86 2.07
CA PRO A 856 4.34 11.64 2.54
C PRO A 856 4.48 10.44 3.46
N PRO A 857 3.51 10.12 4.32
CA PRO A 857 3.66 8.87 5.09
C PRO A 857 3.77 7.61 4.23
N LEU A 858 2.96 7.51 3.18
CA LEU A 858 3.08 6.39 2.25
C LEU A 858 4.43 6.40 1.56
N ALA A 859 4.85 7.57 1.08
CA ALA A 859 6.16 7.67 0.45
C ALA A 859 7.26 7.26 1.42
N LYS A 860 7.12 7.61 2.69
CA LYS A 860 8.14 7.27 3.69
C LYS A 860 8.19 5.77 3.96
N ALA A 861 7.03 5.11 4.01
CA ALA A 861 7.03 3.65 4.18
C ALA A 861 7.76 2.98 3.01
N ILE A 862 7.44 3.40 1.78
CA ILE A 862 8.14 2.85 0.62
C ILE A 862 9.64 3.12 0.72
N GLY A 863 10.01 4.34 1.12
CA GLY A 863 11.41 4.68 1.24
C GLY A 863 12.13 3.88 2.30
N LEU A 864 11.44 3.54 3.40
CA LEU A 864 12.05 2.70 4.42
C LEU A 864 12.33 1.30 3.90
N GLU A 865 11.42 0.76 3.08
CA GLU A 865 11.73 -0.50 2.42
C GLU A 865 12.96 -0.37 1.51
N ILE A 866 13.03 0.73 0.76
CA ILE A 866 14.19 0.98 -0.09
C ILE A 866 15.46 1.07 0.74
N LYS A 867 15.38 1.67 1.93
CA LYS A 867 16.55 1.78 2.80
C LYS A 867 16.97 0.40 3.33
N LEU A 868 15.99 -0.45 3.63
CA LEU A 868 16.34 -1.84 4.00
C LEU A 868 17.18 -2.47 2.90
N CYS A 869 16.76 -2.29 1.65
CA CYS A 869 17.53 -2.85 0.54
C CYS A 869 18.90 -2.19 0.43
N MET A 870 18.98 -0.87 0.65
CA MET A 870 20.26 -0.18 0.58
C MET A 870 21.24 -0.73 1.62
N LEU A 871 20.75 -0.96 2.84
CA LEU A 871 21.61 -1.46 3.91
C LEU A 871 21.95 -2.93 3.75
N ALA A 872 21.13 -3.70 3.02
CA ALA A 872 21.35 -5.13 2.87
C ALA A 872 22.07 -5.50 1.57
N LYS A 873 22.64 -4.54 0.87
CA LYS A 873 23.31 -4.83 -0.38
C LYS A 873 24.58 -5.65 -0.15
N ALA A 874 24.80 -6.64 -1.01
CA ALA A 874 25.97 -7.51 -0.90
C ALA A 874 27.25 -6.76 -1.26
N1 5CM B 6 -23.84 14.61 -13.67
C2 5CM B 6 -22.43 15.03 -13.59
N3 5CM B 6 -21.88 15.65 -12.48
C4 5CM B 6 -22.72 15.89 -11.41
C5 5CM B 6 -24.09 15.51 -11.42
C5A 5CM B 6 -24.99 15.77 -10.23
C6 5CM B 6 -24.63 14.88 -12.53
O2 5CM B 6 -21.75 14.82 -14.51
N4 5CM B 6 -22.22 16.49 -10.33
C1' 5CM B 6 -24.45 13.93 -14.85
C2' 5CM B 6 -25.55 12.97 -14.45
C3' 5CM B 6 -26.28 12.81 -15.78
C4' 5CM B 6 -26.03 14.12 -16.55
O4' 5CM B 6 -25.05 14.84 -15.76
O3' 5CM B 6 -25.71 11.73 -16.51
C5' 5CM B 6 -27.31 14.91 -16.70
O5' 5CM B 6 -28.05 14.88 -15.49
P 5CM B 6 -29.16 16.10 -15.24
OP1 5CM B 6 -30.26 16.03 -16.24
OP2 5CM B 6 -29.71 16.09 -13.80
P PYO C 6 -9.75 6.72 -9.48
OP1 PYO C 6 -8.93 6.57 -10.75
OP2 PYO C 6 -9.05 6.81 -8.15
O5' PYO C 6 -10.66 8.01 -9.65
C5' PYO C 6 -10.23 9.10 -10.45
C4' PYO C 6 -10.86 9.04 -11.82
O4' PYO C 6 -11.96 8.09 -11.83
C3' PYO C 6 -11.51 10.33 -12.31
C1' PYO C 6 -12.89 8.47 -12.81
O3' PYO C 6 -10.57 11.28 -12.79
C2' PYO C 6 -12.46 9.82 -13.40
O2' PYO C 6 -11.74 9.57 -14.59
N1 PYO C 6 -14.24 8.52 -12.20
C6 PYO C 6 -14.39 8.76 -10.90
C2 PYO C 6 -15.43 8.31 -13.04
C5 PYO C 6 -15.65 8.81 -10.34
O2 PYO C 6 -15.31 8.10 -14.19
N3 PYO C 6 -16.70 8.35 -12.49
C4 PYO C 6 -16.75 8.61 -11.16
C1 EDO D . -11.10 5.84 -24.08
O1 EDO D . -11.08 4.85 -25.11
C2 EDO D . -10.39 5.29 -22.84
O2 EDO D . -9.06 4.92 -23.18
ZN ZN E . -35.90 14.70 -16.47
ZN ZN F . 14.20 -30.03 -6.95
C1 EDO G . 2.78 11.46 9.73
O1 EDO G . 3.52 11.75 10.93
C2 EDO G . 2.21 10.05 9.82
O2 EDO G . 1.17 10.00 10.81
C1 EDO H . 11.43 -8.69 -22.21
O1 EDO H . 12.67 -9.13 -21.64
C2 EDO H . 10.27 -9.44 -21.57
O2 EDO H . 10.50 -10.84 -21.68
C1 EDO I . 16.26 -9.44 -22.97
O1 EDO I . 14.91 -9.34 -23.44
C2 EDO I . 16.46 -8.53 -21.76
O2 EDO I . 17.81 -8.61 -21.31
C1 EDO J . -4.52 11.15 27.58
O1 EDO J . -4.94 9.78 27.54
C2 EDO J . -5.65 12.01 28.14
O2 EDO J . -5.22 13.38 28.21
C1 EDO K . 8.40 -7.22 13.01
O1 EDO K . 7.16 -7.23 13.72
C2 EDO K . 9.28 -8.36 13.48
O2 EDO K . 8.57 -9.60 13.32
C1 EDO L . -9.37 32.25 0.09
O1 EDO L . -8.84 32.67 -1.17
C2 EDO L . -10.86 32.55 0.15
O2 EDO L . -11.56 31.69 -0.76
C1 GOL M . -4.80 -3.93 8.46
O1 GOL M . -4.52 -2.57 8.24
C2 GOL M . -6.34 -4.06 8.65
O2 GOL M . -6.90 -2.91 9.20
C3 GOL M . -6.91 -4.37 7.24
O3 GOL M . -8.29 -4.49 7.39
C01 96I N . -19.64 10.57 -11.19
C03 96I N . -19.14 11.80 -13.39
C04 96I N . -17.83 11.87 -13.83
C05 96I N . -16.75 12.03 -12.89
C07 96I N . -17.58 11.79 -15.22
C10 96I N . -16.30 12.68 -17.96
C13 96I N . -14.52 11.13 -17.19
C14 96I N . -13.56 12.13 -17.27
C15 96I N . -12.22 11.81 -17.42
C16 96I N . -11.84 10.48 -17.49
C20 96I N . -19.83 11.58 -15.70
C02 96I N . -19.46 11.89 -11.90
C09 96I N . -16.00 11.50 -17.04
C17 96I N . -12.80 9.48 -17.42
C18 96I N . -14.13 9.80 -17.27
C22 96I N . -20.32 10.92 -18.01
C23 96I N . -19.97 12.05 -18.97
C24 96I N . -20.87 13.24 -18.78
C26 96I N . -22.19 12.80 -18.19
C27 96I N . -22.00 12.17 -16.80
C28 96I N . -20.17 11.65 -14.32
C29 96I N . -21.52 11.57 -13.82
N06 96I N . -15.90 12.16 -12.15
N08 96I N . -16.30 11.86 -15.66
N11 96I N . -16.60 13.86 -17.44
N19 96I N . -18.56 11.65 -16.08
N21 96I N . -20.75 11.42 -16.71
N25 96I N . -21.13 13.85 -20.07
N30 96I N . -22.59 11.52 -13.44
O12 96I N . -16.24 12.52 -19.17
#